data_1SL6
#
_entry.id   1SL6
#
_cell.length_a   153.750
_cell.length_b   153.750
_cell.length_c   128.702
_cell.angle_alpha   90.00
_cell.angle_beta   90.00
_cell.angle_gamma   120.00
#
_symmetry.space_group_name_H-M   'P 32 2 1'
#
loop_
_entity.id
_entity.type
_entity.pdbx_description
1 polymer 'C-type lectin DC-SIGNR'
2 branched alpha-L-fucopyranose-(1-3)-[beta-D-galactopyranose-(1-4)]2-acetamido-2-deoxy-alpha-D-glucopyranose
3 non-polymer 'CALCIUM ION'
4 water water
#
_entity_poly.entity_id   1
_entity_poly.type   'polypeptide(L)'
_entity_poly.pdbx_seq_one_letter_code
;GELPEKSKLQEIYQELTQLKAAVGELPDQSKQQQIYQELTDLKTAFERLCRHCPKDWTFFQGNCYFMSNSQRNWHDSVTA
CQEVRAQLVVIKTAEEQNFLQLQTSRSNRFSWMGLSDLNQEGTWQWVDGSPLSPSFQRYWNSGEPNNSGNEDCAEFSGSG
WNDNRCDVDNYWICKKPAACFRDE
;
_entity_poly.pdbx_strand_id   A,B,C,D,E,F
#
# COMPACT_ATOMS: atom_id res chain seq x y z
N PRO A 4 29.10 -4.69 40.97
CA PRO A 4 29.12 -4.40 39.51
C PRO A 4 27.81 -4.83 38.87
N GLU A 5 27.51 -4.26 37.70
CA GLU A 5 26.28 -4.58 37.00
C GLU A 5 26.27 -6.00 36.45
N LYS A 6 27.34 -6.39 35.77
CA LYS A 6 27.42 -7.75 35.23
C LYS A 6 27.27 -8.76 36.36
N SER A 7 27.49 -8.31 37.58
CA SER A 7 27.40 -9.17 38.75
C SER A 7 25.94 -9.45 39.09
N LYS A 8 25.15 -8.39 39.25
CA LYS A 8 23.73 -8.55 39.57
C LYS A 8 23.03 -9.39 38.53
N LEU A 9 23.44 -9.23 37.28
CA LEU A 9 22.86 -10.00 36.17
C LEU A 9 23.06 -11.47 36.48
N GLN A 10 24.23 -11.81 37.00
CA GLN A 10 24.54 -13.19 37.37
C GLN A 10 23.52 -13.66 38.39
N GLU A 11 23.30 -12.84 39.40
CA GLU A 11 22.35 -13.15 40.47
C GLU A 11 20.96 -13.51 39.94
N ILE A 12 20.59 -12.93 38.82
CA ILE A 12 19.28 -13.18 38.22
C ILE A 12 19.27 -14.54 37.54
N TYR A 13 20.25 -14.80 36.68
CA TYR A 13 20.32 -16.08 35.99
C TYR A 13 20.54 -17.20 37.02
N GLN A 14 21.27 -16.88 38.09
CA GLN A 14 21.55 -17.85 39.15
C GLN A 14 20.25 -18.30 39.80
N GLU A 15 19.42 -17.34 40.22
CA GLU A 15 18.14 -17.66 40.85
C GLU A 15 17.23 -18.45 39.92
N LEU A 16 17.29 -18.15 38.63
CA LEU A 16 16.46 -18.85 37.65
C LEU A 16 16.78 -20.33 37.69
N THR A 17 18.07 -20.66 37.60
CA THR A 17 18.51 -22.04 37.63
C THR A 17 17.91 -22.70 38.87
N GLN A 18 17.90 -21.96 39.96
CA GLN A 18 17.37 -22.44 41.23
C GLN A 18 15.85 -22.45 41.26
N LEU A 19 15.23 -22.49 40.09
CA LEU A 19 13.77 -22.52 40.00
C LEU A 19 13.32 -23.66 39.10
N LYS A 31 0.12 -31.49 35.56
CA LYS A 31 0.26 -30.27 34.78
C LYS A 31 1.53 -29.51 35.17
N GLN A 32 2.68 -30.03 34.75
CA GLN A 32 3.96 -29.41 35.04
C GLN A 32 4.50 -28.63 33.84
N GLN A 33 4.20 -29.12 32.64
CA GLN A 33 4.64 -28.49 31.41
C GLN A 33 4.11 -27.06 31.33
N GLN A 34 3.12 -26.76 32.17
CA GLN A 34 2.53 -25.43 32.20
C GLN A 34 3.41 -24.47 32.99
N ILE A 35 4.17 -25.03 33.93
CA ILE A 35 5.07 -24.25 34.77
C ILE A 35 6.31 -23.86 33.99
N TYR A 36 6.83 -24.78 33.20
CA TYR A 36 8.01 -24.54 32.40
C TYR A 36 7.72 -23.59 31.23
N GLN A 37 6.52 -23.68 30.69
CA GLN A 37 6.12 -22.82 29.57
C GLN A 37 6.15 -21.36 30.04
N GLU A 38 5.68 -21.13 31.26
CA GLU A 38 5.66 -19.78 31.83
C GLU A 38 7.08 -19.39 32.23
N LEU A 39 7.92 -20.38 32.51
CA LEU A 39 9.30 -20.13 32.89
C LEU A 39 10.06 -19.61 31.67
N THR A 40 9.73 -20.12 30.50
CA THR A 40 10.36 -19.71 29.25
C THR A 40 9.93 -18.28 28.93
N ASP A 41 8.67 -17.98 29.20
CA ASP A 41 8.13 -16.65 28.95
C ASP A 41 8.88 -15.63 29.80
N LEU A 42 9.07 -15.96 31.08
CA LEU A 42 9.77 -15.07 32.01
C LEU A 42 11.21 -14.84 31.57
N LYS A 43 11.92 -15.92 31.28
CA LYS A 43 13.31 -15.80 30.85
C LYS A 43 13.40 -14.92 29.60
N THR A 44 12.45 -15.10 28.69
CA THR A 44 12.43 -14.34 27.44
C THR A 44 12.09 -12.88 27.67
N ALA A 45 11.21 -12.60 28.63
CA ALA A 45 10.82 -11.23 28.92
C ALA A 45 12.00 -10.43 29.43
N PHE A 46 12.97 -11.12 30.02
CA PHE A 46 14.16 -10.47 30.55
C PHE A 46 15.22 -10.26 29.49
N GLU A 47 15.57 -11.33 28.79
CA GLU A 47 16.58 -11.27 27.74
C GLU A 47 16.13 -10.28 26.66
N ARG A 48 14.85 -9.94 26.70
CA ARG A 48 14.28 -9.00 25.74
C ARG A 48 14.84 -7.60 26.01
N LEU A 49 15.38 -7.40 27.19
CA LEU A 49 15.95 -6.10 27.55
C LEU A 49 17.39 -5.94 27.05
N CYS A 50 17.96 -7.05 26.59
CA CYS A 50 19.32 -7.04 26.09
C CYS A 50 19.33 -6.98 24.56
N ARG A 51 19.49 -5.79 24.00
CA ARG A 51 19.51 -5.67 22.55
C ARG A 51 20.63 -4.84 21.95
N HIS A 52 21.85 -5.09 22.41
CA HIS A 52 23.02 -4.39 21.89
C HIS A 52 23.66 -5.27 20.83
N CYS A 53 23.87 -4.72 19.64
CA CYS A 53 24.50 -5.48 18.57
C CYS A 53 25.75 -4.75 18.09
N PRO A 54 26.77 -5.50 17.65
CA PRO A 54 27.99 -4.85 17.17
C PRO A 54 27.68 -3.93 15.99
N LYS A 55 28.50 -2.91 15.79
CA LYS A 55 28.32 -1.97 14.69
C LYS A 55 28.26 -2.72 13.36
N ASP A 56 27.34 -2.28 12.50
CA ASP A 56 27.14 -2.86 11.18
C ASP A 56 26.35 -4.17 11.18
N TRP A 57 25.99 -4.68 12.35
CA TRP A 57 25.21 -5.91 12.44
C TRP A 57 23.73 -5.56 12.48
N THR A 58 22.88 -6.51 12.11
CA THR A 58 21.44 -6.31 12.11
C THR A 58 20.74 -6.96 13.29
N PHE A 59 19.83 -6.22 13.92
CA PHE A 59 19.07 -6.75 15.04
C PHE A 59 17.77 -7.37 14.52
N PHE A 60 17.51 -8.62 14.90
CA PHE A 60 16.29 -9.28 14.49
C PHE A 60 15.86 -10.33 15.52
N GLN A 61 14.73 -10.07 16.18
CA GLN A 61 14.16 -10.96 17.17
C GLN A 61 15.16 -11.39 18.23
N GLY A 62 15.84 -10.43 18.84
CA GLY A 62 16.79 -10.74 19.90
C GLY A 62 18.17 -11.20 19.49
N ASN A 63 18.41 -11.30 18.19
CA ASN A 63 19.71 -11.73 17.71
C ASN A 63 20.32 -10.73 16.76
N CYS A 64 21.64 -10.85 16.57
CA CYS A 64 22.39 -9.96 15.70
C CYS A 64 22.93 -10.74 14.53
N TYR A 65 22.76 -10.20 13.33
CA TYR A 65 23.23 -10.87 12.14
C TYR A 65 24.23 -10.01 11.41
N PHE A 66 25.22 -10.66 10.80
CA PHE A 66 26.24 -9.97 10.03
C PHE A 66 26.23 -10.50 8.60
N MET A 67 26.02 -9.60 7.64
CA MET A 67 26.04 -9.96 6.23
C MET A 67 27.41 -9.52 5.75
N SER A 68 28.31 -10.47 5.54
CA SER A 68 29.66 -10.17 5.12
C SER A 68 29.74 -9.33 3.86
N ASN A 69 30.87 -8.67 3.67
CA ASN A 69 31.08 -7.85 2.50
C ASN A 69 32.12 -8.50 1.59
N SER A 70 32.43 -9.77 1.87
CA SER A 70 33.40 -10.52 1.08
C SER A 70 32.96 -11.99 1.03
N GLN A 71 33.58 -12.75 0.14
CA GLN A 71 33.23 -14.16 -0.01
C GLN A 71 34.31 -15.08 0.56
N ARG A 72 33.90 -16.31 0.83
CA ARG A 72 34.79 -17.33 1.38
C ARG A 72 34.13 -18.68 1.13
N ASN A 73 34.89 -19.75 1.30
CA ASN A 73 34.31 -21.06 1.11
C ASN A 73 33.53 -21.36 2.40
N TRP A 74 32.81 -22.47 2.42
CA TRP A 74 32.01 -22.80 3.58
C TRP A 74 32.78 -22.96 4.89
N HIS A 75 33.85 -23.76 4.88
CA HIS A 75 34.64 -23.98 6.08
C HIS A 75 35.27 -22.69 6.61
N ASP A 76 35.76 -21.85 5.70
CA ASP A 76 36.37 -20.60 6.09
C ASP A 76 35.30 -19.63 6.61
N SER A 77 34.05 -19.82 6.17
CA SER A 77 32.97 -18.96 6.64
C SER A 77 32.65 -19.36 8.07
N VAL A 78 32.64 -20.67 8.32
CA VAL A 78 32.37 -21.19 9.65
C VAL A 78 33.37 -20.62 10.67
N THR A 79 34.64 -20.60 10.29
CA THR A 79 35.68 -20.09 11.18
C THR A 79 35.62 -18.58 11.30
N ALA A 80 35.22 -17.90 10.23
CA ALA A 80 35.10 -16.45 10.26
C ALA A 80 34.08 -16.03 11.35
N CYS A 81 32.98 -16.76 11.43
CA CYS A 81 31.94 -16.48 12.42
C CYS A 81 32.39 -16.75 13.85
N GLN A 82 33.16 -17.81 14.04
CA GLN A 82 33.66 -18.14 15.37
C GLN A 82 34.64 -17.08 15.88
N GLU A 83 35.35 -16.45 14.95
CA GLU A 83 36.33 -15.42 15.30
C GLU A 83 35.68 -14.14 15.80
N VAL A 84 34.37 -14.03 15.69
CA VAL A 84 33.65 -12.87 16.18
C VAL A 84 32.61 -13.32 17.19
N ARG A 85 32.88 -14.47 17.80
CA ARG A 85 32.00 -15.05 18.81
C ARG A 85 30.59 -15.25 18.29
N ALA A 86 30.48 -15.72 17.06
CA ALA A 86 29.19 -15.95 16.45
C ALA A 86 29.18 -17.33 15.81
N GLN A 87 28.16 -17.60 15.01
CA GLN A 87 28.05 -18.90 14.37
C GLN A 87 27.43 -18.75 12.99
N LEU A 88 27.95 -19.52 12.03
CA LEU A 88 27.42 -19.49 10.67
C LEU A 88 25.93 -19.73 10.93
N VAL A 89 25.10 -18.78 10.53
CA VAL A 89 23.67 -18.83 10.81
C VAL A 89 22.93 -20.16 10.78
N VAL A 90 22.42 -20.54 11.95
CA VAL A 90 21.62 -21.75 12.11
C VAL A 90 20.17 -21.25 12.26
N ILE A 91 19.34 -21.56 11.28
CA ILE A 91 17.95 -21.11 11.27
C ILE A 91 17.05 -21.97 12.16
N LYS A 92 16.34 -21.33 13.08
CA LYS A 92 15.47 -22.05 14.02
C LYS A 92 13.97 -21.96 13.70
N THR A 93 13.54 -20.89 13.03
CA THR A 93 12.11 -20.73 12.74
C THR A 93 11.85 -20.26 11.32
N ALA A 94 10.60 -20.45 10.87
CA ALA A 94 10.21 -20.03 9.53
C ALA A 94 10.36 -18.52 9.34
N GLU A 95 10.01 -17.76 10.36
CA GLU A 95 10.12 -16.31 10.28
C GLU A 95 11.56 -15.86 10.08
N GLU A 96 12.49 -16.52 10.77
CA GLU A 96 13.90 -16.18 10.64
C GLU A 96 14.35 -16.48 9.20
N GLN A 97 13.98 -17.67 8.72
CA GLN A 97 14.33 -18.08 7.36
C GLN A 97 13.85 -17.07 6.33
N ASN A 98 12.58 -16.67 6.45
CA ASN A 98 12.01 -15.72 5.51
C ASN A 98 12.71 -14.37 5.57
N PHE A 99 13.12 -13.97 6.77
CA PHE A 99 13.80 -12.70 6.94
C PHE A 99 15.15 -12.72 6.23
N LEU A 100 15.94 -13.77 6.47
CA LEU A 100 17.26 -13.89 5.84
C LEU A 100 17.15 -14.03 4.32
N GLN A 101 16.22 -14.87 3.86
CA GLN A 101 16.00 -15.09 2.45
C GLN A 101 15.68 -13.76 1.76
N LEU A 102 14.92 -12.89 2.42
CA LEU A 102 14.56 -11.60 1.83
C LEU A 102 15.81 -10.72 1.75
N GLN A 103 16.63 -10.71 2.79
CA GLN A 103 17.84 -9.89 2.78
C GLN A 103 18.81 -10.32 1.68
N THR A 104 19.09 -11.62 1.61
CA THR A 104 20.00 -12.14 0.60
C THR A 104 19.40 -11.99 -0.80
N SER A 105 18.09 -12.14 -0.89
CA SER A 105 17.39 -12.00 -2.16
C SER A 105 17.51 -10.57 -2.70
N ARG A 106 17.27 -9.58 -1.85
CA ARG A 106 17.35 -8.18 -2.27
C ARG A 106 18.77 -7.74 -2.62
N SER A 107 19.76 -8.35 -1.97
CA SER A 107 21.14 -8.00 -2.19
C SER A 107 21.78 -8.74 -3.37
N ASN A 108 21.00 -9.59 -4.03
CA ASN A 108 21.49 -10.37 -5.17
C ASN A 108 22.81 -11.09 -4.86
N ARG A 109 22.93 -11.60 -3.64
CA ARG A 109 24.15 -12.30 -3.23
C ARG A 109 23.92 -13.71 -2.68
N PHE A 110 24.65 -14.68 -3.22
CA PHE A 110 24.52 -16.05 -2.75
C PHE A 110 25.28 -16.12 -1.44
N SER A 111 24.62 -16.60 -0.40
CA SER A 111 25.26 -16.66 0.92
C SER A 111 25.14 -18.01 1.61
N TRP A 112 26.19 -18.37 2.34
CA TRP A 112 26.24 -19.62 3.09
C TRP A 112 25.42 -19.54 4.36
N MET A 113 24.97 -20.70 4.83
CA MET A 113 24.26 -20.82 6.09
C MET A 113 24.92 -22.03 6.75
N GLY A 114 24.79 -22.18 8.07
CA GLY A 114 25.43 -23.28 8.76
C GLY A 114 24.76 -24.63 8.59
N LEU A 115 24.55 -25.03 7.34
CA LEU A 115 23.89 -26.29 7.04
C LEU A 115 24.68 -27.12 6.04
N SER A 116 24.86 -28.41 6.33
CA SER A 116 25.61 -29.29 5.42
C SER A 116 25.29 -30.77 5.62
N ASP A 117 25.61 -31.57 4.60
CA ASP A 117 25.41 -33.01 4.68
C ASP A 117 26.79 -33.63 4.45
N LEU A 118 27.80 -32.99 5.05
CA LEU A 118 29.19 -33.40 4.97
C LEU A 118 29.49 -34.70 5.70
N ASN A 119 29.03 -34.82 6.93
CA ASN A 119 29.27 -36.03 7.72
C ASN A 119 28.70 -37.26 7.03
N GLN A 120 27.50 -37.12 6.50
CA GLN A 120 26.82 -38.24 5.83
C GLN A 120 25.91 -37.74 4.71
N GLU A 121 26.30 -37.98 3.48
CA GLU A 121 25.54 -37.56 2.32
C GLU A 121 24.06 -37.78 2.56
N GLY A 122 23.24 -36.81 2.13
CA GLY A 122 21.80 -36.92 2.30
C GLY A 122 21.28 -36.53 3.67
N THR A 123 22.10 -36.64 4.71
CA THR A 123 21.69 -36.29 6.06
C THR A 123 22.07 -34.84 6.39
N TRP A 124 21.13 -33.92 6.22
CA TRP A 124 21.39 -32.52 6.49
C TRP A 124 21.37 -32.17 7.98
N GLN A 125 22.41 -31.47 8.42
CA GLN A 125 22.57 -31.09 9.81
C GLN A 125 23.15 -29.67 9.98
N TRP A 126 22.65 -28.95 10.98
CA TRP A 126 23.14 -27.60 11.25
C TRP A 126 24.44 -27.72 12.06
N VAL A 127 25.32 -26.72 11.92
CA VAL A 127 26.59 -26.73 12.63
C VAL A 127 26.51 -26.79 14.16
N ASP A 128 25.30 -26.72 14.71
CA ASP A 128 25.14 -26.77 16.16
C ASP A 128 24.66 -28.16 16.57
N GLY A 129 24.73 -29.09 15.62
CA GLY A 129 24.32 -30.45 15.89
C GLY A 129 22.89 -30.82 15.53
N SER A 130 21.98 -29.87 15.53
CA SER A 130 20.58 -30.15 15.23
C SER A 130 20.31 -30.56 13.78
N PRO A 131 19.39 -31.52 13.58
CA PRO A 131 19.04 -32.01 12.24
C PRO A 131 18.09 -31.05 11.54
N LEU A 132 17.98 -31.21 10.22
CA LEU A 132 17.09 -30.38 9.42
C LEU A 132 15.69 -30.94 9.57
N SER A 133 14.78 -30.15 10.13
CA SER A 133 13.42 -30.64 10.32
C SER A 133 12.66 -30.68 9.01
N PRO A 134 11.75 -31.65 8.86
CA PRO A 134 10.94 -31.81 7.64
C PRO A 134 10.17 -30.53 7.30
N SER A 135 9.84 -29.74 8.31
CA SER A 135 9.09 -28.51 8.07
C SER A 135 9.91 -27.42 7.36
N PHE A 136 11.19 -27.69 7.13
CA PHE A 136 12.08 -26.75 6.43
C PHE A 136 12.42 -27.23 5.02
N GLN A 137 12.06 -28.48 4.70
CA GLN A 137 12.35 -29.04 3.39
C GLN A 137 11.77 -28.20 2.26
N ARG A 138 10.73 -27.42 2.57
CA ARG A 138 10.11 -26.58 1.56
C ARG A 138 10.98 -25.44 1.08
N TYR A 139 12.02 -25.09 1.84
CA TYR A 139 12.87 -23.98 1.43
C TYR A 139 13.85 -24.28 0.29
N TRP A 140 14.16 -25.56 0.06
CA TRP A 140 15.05 -25.92 -1.07
C TRP A 140 14.42 -25.45 -2.38
N ASN A 141 15.25 -25.05 -3.36
CA ASN A 141 14.72 -24.63 -4.65
C ASN A 141 14.24 -25.86 -5.38
N SER A 142 13.43 -25.66 -6.42
CA SER A 142 12.93 -26.78 -7.21
C SER A 142 14.11 -27.63 -7.68
N GLY A 143 14.05 -28.93 -7.41
CA GLY A 143 15.10 -29.84 -7.82
C GLY A 143 16.26 -30.01 -6.85
N GLU A 144 16.26 -29.25 -5.75
CA GLU A 144 17.36 -29.33 -4.79
C GLU A 144 16.93 -30.07 -3.52
N PRO A 145 17.89 -30.66 -2.78
CA PRO A 145 19.34 -30.69 -3.05
C PRO A 145 19.70 -31.83 -4.00
N ASN A 146 20.22 -31.48 -5.18
CA ASN A 146 20.58 -32.47 -6.20
C ASN A 146 22.00 -33.04 -6.10
N ASN A 147 22.78 -32.57 -5.14
CA ASN A 147 24.16 -33.05 -4.94
C ASN A 147 24.94 -33.15 -6.26
N SER A 148 24.62 -32.27 -7.20
CA SER A 148 25.27 -32.25 -8.51
C SER A 148 26.79 -32.08 -8.40
N GLY A 149 27.53 -33.15 -8.64
CA GLY A 149 28.98 -33.08 -8.55
C GLY A 149 29.45 -33.03 -7.11
N ASN A 150 28.67 -33.67 -6.22
CA ASN A 150 28.96 -33.72 -4.78
C ASN A 150 28.95 -32.36 -4.10
N GLU A 151 27.76 -31.90 -3.74
CA GLU A 151 27.59 -30.61 -3.08
C GLU A 151 27.08 -30.90 -1.68
N ASP A 152 27.84 -30.46 -0.67
CA ASP A 152 27.47 -30.72 0.72
C ASP A 152 27.26 -29.49 1.62
N CYS A 153 27.01 -28.33 1.03
CA CYS A 153 26.80 -27.14 1.83
C CYS A 153 25.63 -26.34 1.27
N ALA A 154 24.82 -25.79 2.16
CA ALA A 154 23.65 -25.02 1.74
C ALA A 154 23.92 -23.53 1.63
N GLU A 155 23.27 -22.90 0.66
CA GLU A 155 23.42 -21.48 0.44
C GLU A 155 22.08 -20.87 0.07
N PHE A 156 21.89 -19.60 0.38
CA PHE A 156 20.66 -18.93 -0.02
C PHE A 156 20.88 -18.67 -1.50
N SER A 157 19.98 -19.17 -2.32
CA SER A 157 20.08 -19.01 -3.77
C SER A 157 18.72 -18.63 -4.33
N GLY A 158 18.60 -17.40 -4.80
CA GLY A 158 17.31 -16.97 -5.33
C GLY A 158 16.30 -16.81 -4.20
N SER A 159 15.17 -17.49 -4.28
CA SER A 159 14.14 -17.38 -3.26
C SER A 159 14.11 -18.58 -2.32
N GLY A 160 15.07 -19.49 -2.49
CA GLY A 160 15.14 -20.67 -1.65
C GLY A 160 16.58 -21.10 -1.40
N TRP A 161 16.77 -22.39 -1.09
CA TRP A 161 18.10 -22.90 -0.82
C TRP A 161 18.64 -23.77 -1.96
N ASN A 162 19.95 -23.93 -1.96
CA ASN A 162 20.63 -24.76 -2.94
C ASN A 162 21.85 -25.37 -2.29
N ASP A 163 22.15 -26.61 -2.61
CA ASP A 163 23.32 -27.26 -2.06
C ASP A 163 24.43 -27.01 -3.09
N ASN A 164 25.57 -26.56 -2.61
CA ASN A 164 26.70 -26.25 -3.48
C ASN A 164 27.97 -26.89 -2.94
N ARG A 165 29.06 -26.79 -3.71
CA ARG A 165 30.34 -27.34 -3.29
C ARG A 165 30.93 -26.50 -2.17
N CYS A 166 31.52 -27.17 -1.19
CA CYS A 166 32.12 -26.49 -0.05
C CYS A 166 33.25 -25.52 -0.44
N ASP A 167 34.03 -25.90 -1.46
CA ASP A 167 35.15 -25.08 -1.89
C ASP A 167 34.77 -23.83 -2.70
N VAL A 168 33.49 -23.71 -3.05
CA VAL A 168 33.03 -22.53 -3.79
C VAL A 168 33.01 -21.34 -2.84
N ASP A 169 33.11 -20.14 -3.38
CA ASP A 169 33.10 -18.95 -2.55
C ASP A 169 31.75 -18.22 -2.56
N ASN A 170 31.28 -17.84 -1.39
CA ASN A 170 30.02 -17.11 -1.24
C ASN A 170 30.11 -16.14 -0.06
N TYR A 171 29.17 -15.19 -0.02
CA TYR A 171 29.13 -14.28 1.10
C TYR A 171 28.54 -15.16 2.18
N TRP A 172 28.63 -14.75 3.43
CA TRP A 172 28.07 -15.59 4.48
C TRP A 172 27.33 -14.73 5.50
N ILE A 173 26.60 -15.37 6.39
CA ILE A 173 25.85 -14.68 7.41
C ILE A 173 26.14 -15.30 8.77
N CYS A 174 26.50 -14.49 9.75
CA CYS A 174 26.74 -15.02 11.09
C CYS A 174 25.70 -14.49 12.05
N LYS A 175 25.48 -15.26 13.11
CA LYS A 175 24.46 -14.94 14.08
C LYS A 175 24.94 -15.14 15.51
N LYS A 176 24.49 -14.27 16.40
CA LYS A 176 24.81 -14.38 17.81
C LYS A 176 23.76 -13.57 18.57
N PRO A 177 23.52 -13.92 19.84
CA PRO A 177 22.53 -13.22 20.65
C PRO A 177 22.90 -11.76 20.89
N ALA A 178 21.88 -10.92 21.03
CA ALA A 178 22.13 -9.52 21.32
C ALA A 178 22.63 -9.52 22.77
N ALA A 179 23.53 -8.59 23.09
CA ALA A 179 24.12 -8.52 24.43
C ALA A 179 23.48 -7.49 25.36
N CYS A 180 23.71 -7.67 26.66
CA CYS A 180 23.15 -6.77 27.66
C CYS A 180 24.03 -5.54 27.87
N PHE A 181 25.31 -5.64 27.50
CA PHE A 181 26.24 -4.53 27.64
C PHE A 181 27.00 -4.28 26.34
N ARG A 182 27.29 -3.01 26.06
CA ARG A 182 28.02 -2.64 24.85
C ARG A 182 29.51 -2.93 25.02
N PRO B 4 -47.87 -2.07 15.32
CA PRO B 4 -46.67 -2.94 15.18
C PRO B 4 -45.72 -2.36 14.15
N GLU B 5 -44.42 -2.47 14.42
CA GLU B 5 -43.41 -1.94 13.52
C GLU B 5 -43.43 -2.68 12.19
N LYS B 6 -43.39 -4.01 12.25
CA LYS B 6 -43.41 -4.82 11.03
C LYS B 6 -44.61 -4.45 10.16
N SER B 7 -45.69 -4.02 10.81
CA SER B 7 -46.91 -3.63 10.11
C SER B 7 -46.73 -2.26 9.46
N LYS B 8 -46.04 -1.36 10.16
CA LYS B 8 -45.80 -0.02 9.63
C LYS B 8 -44.88 -0.14 8.42
N LEU B 9 -44.04 -1.17 8.43
CA LEU B 9 -43.11 -1.40 7.32
C LEU B 9 -43.87 -1.90 6.09
N GLN B 10 -44.86 -2.75 6.31
CA GLN B 10 -45.68 -3.27 5.23
C GLN B 10 -46.45 -2.13 4.58
N GLU B 11 -46.88 -1.18 5.40
CA GLU B 11 -47.62 -0.03 4.91
C GLU B 11 -46.82 0.69 3.83
N ILE B 12 -45.50 0.76 4.05
CA ILE B 12 -44.62 1.43 3.10
C ILE B 12 -44.49 0.65 1.79
N TYR B 13 -44.10 -0.62 1.91
CA TYR B 13 -43.94 -1.47 0.73
C TYR B 13 -45.20 -1.44 -0.12
N GLN B 14 -46.35 -1.38 0.55
CA GLN B 14 -47.64 -1.34 -0.14
C GLN B 14 -47.79 -0.08 -0.98
N GLU B 15 -47.38 1.07 -0.43
CA GLU B 15 -47.48 2.33 -1.15
C GLU B 15 -46.59 2.37 -2.38
N LEU B 16 -45.41 1.78 -2.30
CA LEU B 16 -44.51 1.74 -3.44
C LEU B 16 -45.21 0.95 -4.52
N THR B 17 -45.88 -0.13 -4.10
CA THR B 17 -46.62 -0.99 -5.00
C THR B 17 -47.66 -0.14 -5.73
N GLN B 18 -48.48 0.54 -4.94
CA GLN B 18 -49.53 1.41 -5.46
C GLN B 18 -48.92 2.65 -6.12
N LEU B 19 -47.63 2.60 -6.41
CA LEU B 19 -46.94 3.73 -7.04
C LEU B 19 -46.04 3.23 -8.17
N LYS B 31 -39.24 8.35 -21.96
CA LYS B 31 -39.60 9.37 -20.99
C LYS B 31 -40.17 8.74 -19.72
N GLN B 32 -40.78 7.57 -19.88
CA GLN B 32 -41.36 6.84 -18.76
C GLN B 32 -40.26 6.20 -17.94
N GLN B 33 -39.16 5.88 -18.61
CA GLN B 33 -38.00 5.24 -17.97
C GLN B 33 -37.41 6.11 -16.87
N GLN B 34 -37.37 7.42 -17.11
CA GLN B 34 -36.82 8.38 -16.14
C GLN B 34 -37.46 8.21 -14.76
N ILE B 35 -38.75 7.85 -14.75
CA ILE B 35 -39.47 7.66 -13.50
C ILE B 35 -39.13 6.33 -12.86
N TYR B 36 -38.97 5.29 -13.67
CA TYR B 36 -38.62 3.98 -13.13
C TYR B 36 -37.20 4.00 -12.58
N GLN B 37 -36.38 4.89 -13.13
CA GLN B 37 -35.00 5.04 -12.68
C GLN B 37 -35.01 5.55 -11.25
N GLU B 38 -35.77 6.62 -11.03
CA GLU B 38 -35.87 7.22 -9.70
C GLU B 38 -36.70 6.40 -8.74
N LEU B 39 -37.51 5.49 -9.27
CA LEU B 39 -38.33 4.64 -8.42
C LEU B 39 -37.44 3.56 -7.81
N THR B 40 -36.51 3.08 -8.62
CA THR B 40 -35.55 2.06 -8.19
C THR B 40 -34.59 2.68 -7.19
N ASP B 41 -34.22 3.94 -7.43
CA ASP B 41 -33.32 4.69 -6.56
C ASP B 41 -33.99 4.91 -5.20
N LEU B 42 -35.31 5.09 -5.23
CA LEU B 42 -36.09 5.32 -4.03
C LEU B 42 -36.27 4.04 -3.23
N LYS B 43 -36.64 2.96 -3.90
CA LYS B 43 -36.83 1.68 -3.22
C LYS B 43 -35.50 1.22 -2.63
N THR B 44 -34.41 1.44 -3.36
CA THR B 44 -33.08 1.05 -2.91
C THR B 44 -32.65 1.89 -1.71
N ALA B 45 -32.96 3.19 -1.77
CA ALA B 45 -32.60 4.10 -0.69
C ALA B 45 -33.18 3.64 0.64
N PHE B 46 -34.35 3.01 0.58
CA PHE B 46 -35.01 2.53 1.78
C PHE B 46 -34.51 1.15 2.22
N GLU B 47 -34.39 0.23 1.27
CA GLU B 47 -33.92 -1.11 1.58
C GLU B 47 -32.49 -1.05 2.10
N ARG B 48 -31.86 0.11 1.92
CA ARG B 48 -30.50 0.36 2.37
C ARG B 48 -30.49 0.48 3.89
N LEU B 49 -31.65 0.72 4.49
CA LEU B 49 -31.75 0.85 5.94
C LEU B 49 -31.91 -0.51 6.61
N CYS B 50 -32.18 -1.54 5.83
CA CYS B 50 -32.35 -2.89 6.37
C CYS B 50 -31.07 -3.67 6.16
N ARG B 51 -30.25 -3.79 7.20
CA ARG B 51 -28.99 -4.49 7.05
C ARG B 51 -28.67 -5.61 8.03
N HIS B 52 -29.70 -6.28 8.53
CA HIS B 52 -29.45 -7.38 9.45
C HIS B 52 -29.20 -8.69 8.72
N CYS B 53 -28.07 -9.32 9.04
CA CYS B 53 -27.70 -10.60 8.46
C CYS B 53 -27.63 -11.58 9.62
N PRO B 54 -27.97 -12.86 9.39
CA PRO B 54 -27.93 -13.88 10.44
C PRO B 54 -26.49 -14.10 10.91
N LYS B 55 -26.33 -14.71 12.07
CA LYS B 55 -25.01 -14.97 12.62
C LYS B 55 -24.19 -15.84 11.66
N ASP B 56 -22.98 -15.38 11.35
CA ASP B 56 -22.06 -16.10 10.45
C ASP B 56 -22.28 -15.88 8.96
N TRP B 57 -23.18 -14.96 8.62
CA TRP B 57 -23.40 -14.65 7.22
C TRP B 57 -22.63 -13.36 6.97
N THR B 58 -22.19 -13.16 5.74
CA THR B 58 -21.44 -11.97 5.37
C THR B 58 -22.38 -10.96 4.74
N PHE B 59 -22.18 -9.68 5.04
CA PHE B 59 -23.02 -8.63 4.45
C PHE B 59 -22.27 -8.03 3.26
N PHE B 60 -22.95 -7.88 2.14
CA PHE B 60 -22.33 -7.30 0.96
C PHE B 60 -23.40 -6.70 0.06
N GLN B 61 -23.37 -5.38 -0.10
CA GLN B 61 -24.31 -4.64 -0.94
C GLN B 61 -25.78 -4.97 -0.71
N GLY B 62 -26.22 -4.88 0.53
CA GLY B 62 -27.62 -5.16 0.84
C GLY B 62 -28.03 -6.63 0.93
N ASN B 63 -27.12 -7.56 0.65
CA ASN B 63 -27.46 -8.99 0.72
C ASN B 63 -26.61 -9.72 1.76
N CYS B 64 -27.02 -10.93 2.11
CA CYS B 64 -26.27 -11.73 3.08
C CYS B 64 -25.82 -13.00 2.42
N TYR B 65 -24.60 -13.43 2.72
CA TYR B 65 -24.06 -14.64 2.13
C TYR B 65 -23.54 -15.62 3.16
N PHE B 66 -23.84 -16.89 2.95
CA PHE B 66 -23.39 -17.94 3.83
C PHE B 66 -22.39 -18.82 3.10
N MET B 67 -21.14 -18.85 3.59
CA MET B 67 -20.14 -19.70 2.98
C MET B 67 -20.16 -20.96 3.84
N SER B 68 -20.62 -22.07 3.27
CA SER B 68 -20.74 -23.32 4.02
C SER B 68 -19.43 -23.85 4.60
N ASN B 69 -19.56 -24.62 5.68
CA ASN B 69 -18.39 -25.22 6.32
C ASN B 69 -18.37 -26.73 6.08
N SER B 70 -19.24 -27.19 5.18
CA SER B 70 -19.32 -28.60 4.82
C SER B 70 -19.50 -28.69 3.31
N GLN B 71 -19.20 -29.85 2.73
CA GLN B 71 -19.33 -30.04 1.30
C GLN B 71 -20.53 -30.93 1.01
N ARG B 72 -21.27 -30.58 -0.05
CA ARG B 72 -22.44 -31.35 -0.47
C ARG B 72 -22.50 -31.33 -1.98
N ASN B 73 -23.31 -32.20 -2.58
CA ASN B 73 -23.41 -32.17 -4.04
C ASN B 73 -24.31 -30.99 -4.38
N TRP B 74 -24.33 -30.59 -5.64
CA TRP B 74 -25.12 -29.45 -6.10
C TRP B 74 -26.59 -29.47 -5.69
N HIS B 75 -27.27 -30.58 -5.95
CA HIS B 75 -28.69 -30.68 -5.62
C HIS B 75 -28.94 -30.55 -4.11
N ASP B 76 -28.13 -31.22 -3.30
CA ASP B 76 -28.31 -31.11 -1.86
C ASP B 76 -27.97 -29.66 -1.43
N SER B 77 -27.07 -29.01 -2.17
CA SER B 77 -26.72 -27.65 -1.84
C SER B 77 -27.88 -26.70 -2.14
N VAL B 78 -28.66 -27.01 -3.18
CA VAL B 78 -29.80 -26.16 -3.52
C VAL B 78 -30.85 -26.20 -2.43
N THR B 79 -31.06 -27.38 -1.86
CA THR B 79 -32.05 -27.52 -0.81
C THR B 79 -31.56 -26.95 0.52
N ALA B 80 -30.27 -27.08 0.79
CA ALA B 80 -29.73 -26.52 2.03
C ALA B 80 -30.05 -25.02 2.13
N CYS B 81 -29.81 -24.28 1.05
CA CYS B 81 -30.09 -22.84 1.04
C CYS B 81 -31.57 -22.54 1.16
N GLN B 82 -32.41 -23.40 0.60
CA GLN B 82 -33.85 -23.18 0.68
C GLN B 82 -34.30 -23.35 2.13
N GLU B 83 -33.62 -24.24 2.86
CA GLU B 83 -33.94 -24.50 4.26
C GLU B 83 -33.65 -23.33 5.20
N VAL B 84 -32.90 -22.34 4.73
CA VAL B 84 -32.61 -21.16 5.54
C VAL B 84 -33.17 -19.96 4.80
N ARG B 85 -34.23 -20.21 4.04
CA ARG B 85 -34.93 -19.20 3.26
C ARG B 85 -33.97 -18.41 2.37
N ALA B 86 -33.03 -19.10 1.75
CA ALA B 86 -32.07 -18.45 0.88
C ALA B 86 -32.03 -19.14 -0.48
N GLN B 87 -31.00 -18.83 -1.26
CA GLN B 87 -30.88 -19.39 -2.59
C GLN B 87 -29.42 -19.65 -2.95
N LEU B 88 -29.13 -20.80 -3.55
CA LEU B 88 -27.76 -21.09 -3.98
C LEU B 88 -27.45 -19.84 -4.80
N VAL B 89 -26.38 -19.14 -4.43
CA VAL B 89 -26.03 -17.87 -5.05
C VAL B 89 -26.21 -17.65 -6.56
N VAL B 90 -27.08 -16.69 -6.86
CA VAL B 90 -27.35 -16.29 -8.24
C VAL B 90 -26.62 -14.95 -8.37
N ILE B 91 -25.69 -14.85 -9.31
CA ILE B 91 -24.94 -13.63 -9.49
C ILE B 91 -25.60 -12.65 -10.47
N LYS B 92 -25.79 -11.41 -10.01
CA LYS B 92 -26.44 -10.38 -10.81
C LYS B 92 -25.51 -9.33 -11.42
N THR B 93 -24.37 -9.07 -10.79
CA THR B 93 -23.44 -8.06 -11.30
C THR B 93 -22.00 -8.53 -11.29
N ALA B 94 -21.16 -7.82 -12.05
CA ALA B 94 -19.74 -8.14 -12.13
C ALA B 94 -19.06 -7.98 -10.77
N GLU B 95 -19.45 -6.95 -10.03
CA GLU B 95 -18.86 -6.68 -8.72
C GLU B 95 -19.17 -7.81 -7.74
N GLU B 96 -20.38 -8.37 -7.83
CA GLU B 96 -20.78 -9.45 -6.94
C GLU B 96 -19.92 -10.68 -7.28
N GLN B 97 -19.79 -10.95 -8.57
CA GLN B 97 -18.97 -12.06 -9.05
C GLN B 97 -17.54 -11.95 -8.52
N ASN B 98 -16.93 -10.79 -8.65
CA ASN B 98 -15.56 -10.60 -8.18
C ASN B 98 -15.42 -10.68 -6.66
N PHE B 99 -16.47 -10.30 -5.95
CA PHE B 99 -16.42 -10.38 -4.49
C PHE B 99 -16.41 -11.84 -4.06
N LEU B 100 -17.33 -12.64 -4.61
CA LEU B 100 -17.41 -14.06 -4.27
C LEU B 100 -16.17 -14.83 -4.72
N GLN B 101 -15.69 -14.54 -5.92
CA GLN B 101 -14.50 -15.20 -6.46
C GLN B 101 -13.30 -14.95 -5.53
N LEU B 102 -13.19 -13.73 -5.02
CA LEU B 102 -12.08 -13.37 -4.13
C LEU B 102 -12.17 -14.18 -2.84
N GLN B 103 -13.38 -14.30 -2.30
CA GLN B 103 -13.58 -15.04 -1.06
C GLN B 103 -13.25 -16.54 -1.20
N THR B 104 -13.76 -17.19 -2.25
CA THR B 104 -13.49 -18.62 -2.46
C THR B 104 -12.03 -18.84 -2.81
N SER B 105 -11.47 -17.90 -3.56
CA SER B 105 -10.08 -17.92 -3.98
C SER B 105 -9.14 -17.83 -2.77
N ARG B 106 -9.42 -16.91 -1.85
CA ARG B 106 -8.56 -16.76 -0.67
C ARG B 106 -8.60 -17.99 0.23
N SER B 107 -9.76 -18.63 0.31
CA SER B 107 -9.90 -19.81 1.16
C SER B 107 -9.56 -21.11 0.44
N ASN B 108 -9.19 -21.01 -0.83
CA ASN B 108 -8.86 -22.19 -1.63
C ASN B 108 -10.01 -23.20 -1.57
N ARG B 109 -11.25 -22.70 -1.57
CA ARG B 109 -12.43 -23.56 -1.50
C ARG B 109 -13.30 -23.59 -2.75
N PHE B 110 -13.30 -24.72 -3.47
CA PHE B 110 -14.13 -24.84 -4.65
C PHE B 110 -15.57 -24.86 -4.14
N SER B 111 -16.40 -23.97 -4.69
CA SER B 111 -17.77 -23.85 -4.22
C SER B 111 -18.84 -23.72 -5.32
N TRP B 112 -20.01 -24.26 -5.03
CA TRP B 112 -21.14 -24.24 -5.95
C TRP B 112 -21.84 -22.90 -6.01
N MET B 113 -22.36 -22.56 -7.19
CA MET B 113 -23.15 -21.34 -7.36
C MET B 113 -24.44 -21.86 -8.01
N GLY B 114 -25.52 -21.09 -7.96
CA GLY B 114 -26.79 -21.53 -8.53
C GLY B 114 -26.85 -21.47 -10.05
N LEU B 115 -25.89 -22.10 -10.71
CA LEU B 115 -25.82 -22.09 -12.17
C LEU B 115 -25.66 -23.49 -12.75
N SER B 116 -26.49 -23.83 -13.73
CA SER B 116 -26.41 -25.15 -14.35
C SER B 116 -26.90 -25.17 -15.80
N ASP B 117 -26.52 -26.22 -16.53
CA ASP B 117 -26.99 -26.41 -17.89
C ASP B 117 -27.67 -27.79 -17.91
N LEU B 118 -28.44 -28.05 -16.84
CA LEU B 118 -29.18 -29.29 -16.65
C LEU B 118 -30.43 -29.40 -17.53
N ASN B 119 -31.20 -28.31 -17.63
CA ASN B 119 -32.41 -28.34 -18.43
C ASN B 119 -32.11 -28.53 -19.91
N GLN B 120 -30.99 -27.96 -20.36
CA GLN B 120 -30.59 -28.05 -21.76
C GLN B 120 -29.08 -27.87 -21.90
N GLU B 121 -28.38 -28.96 -22.20
CA GLU B 121 -26.93 -28.94 -22.36
C GLU B 121 -26.40 -27.79 -23.20
N GLY B 122 -25.42 -27.08 -22.66
CA GLY B 122 -24.84 -25.96 -23.38
C GLY B 122 -25.54 -24.64 -23.12
N THR B 123 -26.71 -24.68 -22.50
CA THR B 123 -27.45 -23.46 -22.18
C THR B 123 -27.51 -23.28 -20.66
N TRP B 124 -26.66 -22.39 -20.14
CA TRP B 124 -26.62 -22.16 -18.70
C TRP B 124 -27.70 -21.24 -18.14
N GLN B 125 -28.34 -21.70 -17.06
CA GLN B 125 -29.42 -20.94 -16.41
C GLN B 125 -29.23 -20.86 -14.90
N TRP B 126 -29.57 -19.72 -14.31
CA TRP B 126 -29.45 -19.56 -12.87
C TRP B 126 -30.65 -20.30 -12.26
N VAL B 127 -30.58 -20.62 -10.97
CA VAL B 127 -31.67 -21.34 -10.34
C VAL B 127 -32.93 -20.50 -10.17
N ASP B 128 -32.83 -19.21 -10.44
CA ASP B 128 -34.01 -18.36 -10.32
C ASP B 128 -34.69 -18.29 -11.69
N GLY B 129 -34.14 -19.01 -12.66
CA GLY B 129 -34.71 -19.02 -13.99
C GLY B 129 -34.05 -18.11 -15.00
N SER B 130 -33.37 -17.08 -14.53
CA SER B 130 -32.70 -16.16 -15.45
C SER B 130 -31.56 -16.87 -16.19
N PRO B 131 -31.34 -16.50 -17.46
CA PRO B 131 -30.29 -17.11 -18.28
C PRO B 131 -28.93 -16.44 -18.04
N LEU B 132 -27.85 -17.16 -18.34
CA LEU B 132 -26.51 -16.61 -18.18
C LEU B 132 -26.30 -15.58 -19.29
N SER B 133 -26.22 -14.31 -18.92
CA SER B 133 -26.03 -13.26 -19.91
C SER B 133 -24.66 -13.38 -20.56
N PRO B 134 -24.51 -12.87 -21.79
CA PRO B 134 -23.26 -12.90 -22.56
C PRO B 134 -22.04 -12.28 -21.88
N SER B 135 -22.27 -11.23 -21.08
CA SER B 135 -21.16 -10.55 -20.41
C SER B 135 -20.61 -11.34 -19.23
N PHE B 136 -21.18 -12.50 -18.95
CA PHE B 136 -20.68 -13.33 -17.85
C PHE B 136 -19.92 -14.52 -18.39
N GLN B 137 -19.97 -14.72 -19.70
CA GLN B 137 -19.27 -15.82 -20.33
C GLN B 137 -17.76 -15.73 -20.09
N ARG B 138 -17.29 -14.51 -19.82
CA ARG B 138 -15.88 -14.25 -19.57
C ARG B 138 -15.34 -14.85 -18.27
N TYR B 139 -16.24 -15.26 -17.37
CA TYR B 139 -15.79 -15.82 -16.10
C TYR B 139 -15.44 -17.31 -16.11
N TRP B 140 -15.75 -17.99 -17.20
CA TRP B 140 -15.43 -19.41 -17.33
C TRP B 140 -13.91 -19.53 -17.44
N ASN B 141 -13.31 -20.46 -16.70
CA ASN B 141 -11.86 -20.64 -16.81
C ASN B 141 -11.56 -20.98 -18.27
N SER B 142 -10.31 -20.87 -18.68
CA SER B 142 -9.95 -21.19 -20.06
C SER B 142 -10.26 -22.65 -20.37
N GLY B 143 -10.97 -22.88 -21.47
CA GLY B 143 -11.31 -24.24 -21.85
C GLY B 143 -12.60 -24.75 -21.22
N GLU B 144 -13.35 -23.87 -20.55
CA GLU B 144 -14.61 -24.25 -19.92
C GLU B 144 -15.73 -23.43 -20.54
N PRO B 145 -16.98 -23.93 -20.47
CA PRO B 145 -17.37 -25.20 -19.86
C PRO B 145 -17.12 -26.33 -20.86
N ASN B 146 -16.35 -27.34 -20.47
CA ASN B 146 -16.02 -28.44 -21.36
C ASN B 146 -16.97 -29.65 -21.27
N ASN B 147 -17.91 -29.61 -20.34
CA ASN B 147 -18.86 -30.69 -20.15
C ASN B 147 -18.19 -32.06 -20.15
N SER B 148 -16.95 -32.09 -19.67
CA SER B 148 -16.17 -33.32 -19.62
C SER B 148 -16.88 -34.44 -18.84
N GLY B 149 -17.45 -35.40 -19.57
CA GLY B 149 -18.15 -36.49 -18.93
C GLY B 149 -19.50 -36.08 -18.39
N ASN B 150 -20.07 -35.05 -19.00
CA ASN B 150 -21.36 -34.52 -18.59
C ASN B 150 -21.29 -33.79 -17.25
N GLU B 151 -20.96 -32.51 -17.32
CA GLU B 151 -20.84 -31.67 -16.13
C GLU B 151 -21.83 -30.53 -16.31
N ASP B 152 -22.90 -30.54 -15.52
CA ASP B 152 -23.95 -29.54 -15.63
C ASP B 152 -24.11 -28.57 -14.47
N CYS B 153 -23.11 -28.48 -13.60
CA CYS B 153 -23.17 -27.59 -12.46
C CYS B 153 -21.94 -26.69 -12.38
N ALA B 154 -22.15 -25.41 -12.14
CA ALA B 154 -21.07 -24.44 -12.08
C ALA B 154 -20.49 -24.26 -10.67
N GLU B 155 -19.16 -24.17 -10.60
CA GLU B 155 -18.47 -24.01 -9.32
C GLU B 155 -17.38 -22.94 -9.48
N PHE B 156 -17.03 -22.28 -8.38
CA PHE B 156 -15.96 -21.31 -8.40
C PHE B 156 -14.70 -22.16 -8.35
N SER B 157 -13.81 -21.97 -9.32
CA SER B 157 -12.58 -22.76 -9.38
C SER B 157 -11.38 -21.90 -9.76
N GLY B 158 -10.44 -21.78 -8.83
CA GLY B 158 -9.28 -20.95 -9.12
C GLY B 158 -9.78 -19.51 -9.18
N SER B 159 -9.54 -18.83 -10.29
CA SER B 159 -9.97 -17.45 -10.42
C SER B 159 -11.12 -17.26 -11.40
N GLY B 160 -11.78 -18.35 -11.77
CA GLY B 160 -12.89 -18.27 -12.70
C GLY B 160 -13.89 -19.36 -12.37
N TRP B 161 -14.67 -19.76 -13.36
CA TRP B 161 -15.65 -20.82 -13.15
C TRP B 161 -15.32 -22.11 -13.87
N ASN B 162 -15.86 -23.21 -13.35
CA ASN B 162 -15.69 -24.51 -13.98
C ASN B 162 -16.99 -25.29 -13.90
N ASP B 163 -17.29 -26.07 -14.92
CA ASP B 163 -18.49 -26.88 -14.89
C ASP B 163 -18.01 -28.24 -14.38
N ASN B 164 -18.76 -28.80 -13.44
CA ASN B 164 -18.38 -30.07 -12.82
C ASN B 164 -19.57 -31.03 -12.69
N ARG B 165 -19.28 -32.27 -12.31
CA ARG B 165 -20.32 -33.27 -12.12
C ARG B 165 -21.13 -32.79 -10.93
N CYS B 166 -22.45 -32.81 -11.05
CA CYS B 166 -23.30 -32.34 -9.97
C CYS B 166 -23.26 -33.22 -8.73
N ASP B 167 -22.70 -34.42 -8.85
CA ASP B 167 -22.62 -35.33 -7.71
C ASP B 167 -21.34 -35.11 -6.88
N VAL B 168 -20.50 -34.19 -7.33
CA VAL B 168 -19.25 -33.88 -6.63
C VAL B 168 -19.52 -33.11 -5.33
N ASP B 169 -18.72 -33.36 -4.31
CA ASP B 169 -18.86 -32.68 -3.02
C ASP B 169 -18.08 -31.37 -3.00
N ASN B 170 -18.80 -30.25 -2.90
CA ASN B 170 -18.18 -28.93 -2.85
C ASN B 170 -18.82 -28.11 -1.74
N TYR B 171 -18.13 -27.05 -1.34
CA TYR B 171 -18.68 -26.13 -0.36
C TYR B 171 -19.71 -25.34 -1.19
N TRP B 172 -20.64 -24.66 -0.55
CA TRP B 172 -21.64 -23.91 -1.31
C TRP B 172 -21.89 -22.54 -0.68
N ILE B 173 -22.46 -21.64 -1.46
CA ILE B 173 -22.76 -20.29 -1.01
C ILE B 173 -24.24 -19.94 -1.15
N CYS B 174 -24.85 -19.54 -0.04
CA CYS B 174 -26.26 -19.17 -0.03
C CYS B 174 -26.37 -17.64 0.00
N LYS B 175 -27.46 -17.13 -0.54
CA LYS B 175 -27.67 -15.69 -0.61
C LYS B 175 -29.14 -15.35 -0.38
N LYS B 176 -29.37 -14.31 0.40
CA LYS B 176 -30.72 -13.83 0.67
C LYS B 176 -30.59 -12.36 1.05
N PRO B 177 -31.70 -11.60 0.97
CA PRO B 177 -31.70 -10.18 1.30
C PRO B 177 -31.45 -9.87 2.78
N ALA B 178 -30.82 -8.74 3.05
CA ALA B 178 -30.58 -8.31 4.43
C ALA B 178 -31.98 -7.99 4.94
N ALA B 179 -32.19 -8.14 6.25
CA ALA B 179 -33.50 -7.89 6.82
C ALA B 179 -33.59 -6.59 7.61
N CYS B 180 -34.82 -6.15 7.89
CA CYS B 180 -35.06 -4.93 8.65
C CYS B 180 -35.17 -5.23 10.13
N PHE B 181 -35.41 -6.50 10.46
CA PHE B 181 -35.51 -6.94 11.84
C PHE B 181 -34.77 -8.26 12.00
N ARG B 182 -34.34 -8.55 13.24
CA ARG B 182 -33.62 -9.79 13.52
C ARG B 182 -34.60 -10.93 13.79
N PRO C 4 7.75 44.50 -21.32
CA PRO C 4 6.94 43.78 -20.32
C PRO C 4 7.83 42.89 -19.45
N GLU C 5 7.23 41.82 -18.92
CA GLU C 5 7.96 40.88 -18.08
C GLU C 5 8.86 40.01 -18.94
N LYS C 6 8.37 39.66 -20.13
CA LYS C 6 9.15 38.83 -21.04
C LYS C 6 10.48 39.51 -21.32
N SER C 7 10.47 40.84 -21.28
CA SER C 7 11.67 41.63 -21.52
C SER C 7 12.62 41.49 -20.33
N LYS C 8 12.07 41.62 -19.13
CA LYS C 8 12.88 41.50 -17.90
C LYS C 8 13.46 40.09 -17.82
N LEU C 9 12.71 39.13 -18.34
CA LEU C 9 13.11 37.73 -18.33
C LEU C 9 14.30 37.53 -19.25
N GLN C 10 14.16 37.95 -20.51
CA GLN C 10 15.21 37.81 -21.49
C GLN C 10 16.49 38.45 -20.95
N GLU C 11 16.31 39.52 -20.19
CA GLU C 11 17.43 40.25 -19.58
C GLU C 11 18.22 39.30 -18.69
N ILE C 12 17.50 38.44 -17.97
CA ILE C 12 18.12 37.47 -17.07
C ILE C 12 19.00 36.47 -17.81
N TYR C 13 18.51 35.98 -18.95
CA TYR C 13 19.29 35.03 -19.73
C TYR C 13 20.54 35.71 -20.26
N GLN C 14 20.39 36.95 -20.69
CA GLN C 14 21.52 37.72 -21.22
C GLN C 14 22.64 37.75 -20.18
N GLU C 15 22.29 38.01 -18.93
CA GLU C 15 23.27 38.07 -17.86
C GLU C 15 23.89 36.70 -17.60
N LEU C 16 23.15 35.64 -17.93
CA LEU C 16 23.66 34.28 -17.75
C LEU C 16 24.70 34.02 -18.83
N THR C 17 24.36 34.37 -20.06
CA THR C 17 25.26 34.21 -21.21
C THR C 17 26.56 34.93 -20.91
N GLN C 18 26.45 36.16 -20.45
CA GLN C 18 27.60 36.99 -20.10
C GLN C 18 28.33 36.38 -18.90
N LEU C 19 28.14 35.08 -18.69
CA LEU C 19 28.78 34.39 -17.58
C LEU C 19 28.73 32.88 -17.80
N LYS C 31 40.00 21.83 -13.09
CA LYS C 31 38.90 21.71 -12.13
C LYS C 31 37.91 22.86 -12.31
N GLN C 32 37.58 23.15 -13.57
CA GLN C 32 36.66 24.22 -13.91
C GLN C 32 35.21 23.75 -13.91
N GLN C 33 35.01 22.44 -14.07
CA GLN C 33 33.67 21.85 -14.10
C GLN C 33 32.86 22.20 -12.86
N GLN C 34 33.53 22.36 -11.72
CA GLN C 34 32.86 22.69 -10.47
C GLN C 34 32.03 23.97 -10.59
N ILE C 35 32.51 24.91 -11.39
CA ILE C 35 31.82 26.18 -11.59
C ILE C 35 30.66 26.04 -12.57
N TYR C 36 30.81 25.18 -13.57
CA TYR C 36 29.74 24.95 -14.54
C TYR C 36 28.67 24.05 -13.96
N GLN C 37 29.05 23.30 -12.93
CA GLN C 37 28.13 22.40 -12.24
C GLN C 37 27.06 23.29 -11.60
N GLU C 38 27.52 24.25 -10.80
CA GLU C 38 26.64 25.18 -10.11
C GLU C 38 25.92 26.12 -11.09
N LEU C 39 26.48 26.29 -12.27
CA LEU C 39 25.88 27.15 -13.27
C LEU C 39 24.63 26.49 -13.83
N THR C 40 24.69 25.16 -13.96
CA THR C 40 23.57 24.37 -14.46
C THR C 40 22.45 24.34 -13.42
N ASP C 41 22.85 24.23 -12.16
CA ASP C 41 21.91 24.19 -11.04
C ASP C 41 21.12 25.49 -10.94
N LEU C 42 21.75 26.59 -11.34
CA LEU C 42 21.13 27.91 -11.29
C LEU C 42 20.13 28.14 -12.41
N LYS C 43 20.50 27.76 -13.62
CA LYS C 43 19.60 27.94 -14.75
C LYS C 43 18.36 27.10 -14.48
N THR C 44 18.59 25.85 -14.09
CA THR C 44 17.52 24.91 -13.79
C THR C 44 16.63 25.44 -12.67
N ALA C 45 17.25 26.00 -11.63
CA ALA C 45 16.51 26.53 -10.50
C ALA C 45 15.51 27.59 -10.95
N PHE C 46 15.87 28.29 -12.03
CA PHE C 46 15.01 29.34 -12.55
C PHE C 46 13.94 28.80 -13.49
N GLU C 47 14.34 27.94 -14.41
CA GLU C 47 13.41 27.35 -15.36
C GLU C 47 12.33 26.56 -14.60
N ARG C 48 12.69 26.14 -13.40
CA ARG C 48 11.81 25.38 -12.52
C ARG C 48 10.53 26.16 -12.18
N LEU C 49 10.58 27.49 -12.29
CA LEU C 49 9.43 28.33 -11.99
C LEU C 49 8.49 28.42 -13.19
N CYS C 50 9.03 28.14 -14.37
CA CYS C 50 8.26 28.18 -15.60
C CYS C 50 7.63 26.83 -15.82
N ARG C 51 6.32 26.73 -15.62
CA ARG C 51 5.66 25.44 -15.82
C ARG C 51 4.23 25.50 -16.37
N HIS C 52 4.02 26.31 -17.39
CA HIS C 52 2.71 26.40 -18.01
C HIS C 52 2.63 25.42 -19.16
N CYS C 53 1.57 24.63 -19.21
CA CYS C 53 1.38 23.67 -20.28
C CYS C 53 0.07 23.93 -20.98
N PRO C 54 -0.01 23.62 -22.28
CA PRO C 54 -1.26 23.84 -23.01
C PRO C 54 -2.36 22.96 -22.40
N LYS C 55 -3.62 23.36 -22.58
CA LYS C 55 -4.74 22.59 -22.06
C LYS C 55 -4.68 21.16 -22.58
N ASP C 56 -4.99 20.19 -21.70
CA ASP C 56 -4.97 18.77 -22.03
C ASP C 56 -3.58 18.15 -22.07
N TRP C 57 -2.54 18.96 -21.95
CA TRP C 57 -1.17 18.44 -21.95
C TRP C 57 -0.78 18.07 -20.53
N THR C 58 0.16 17.13 -20.42
CA THR C 58 0.62 16.64 -19.13
C THR C 58 1.95 17.26 -18.73
N PHE C 59 2.06 17.67 -17.48
CA PHE C 59 3.30 18.26 -16.98
C PHE C 59 4.13 17.19 -16.28
N PHE C 60 5.38 17.06 -16.67
CA PHE C 60 6.29 16.09 -16.08
C PHE C 60 7.73 16.59 -16.19
N GLN C 61 8.36 16.79 -15.03
CA GLN C 61 9.72 17.29 -14.92
C GLN C 61 10.07 18.48 -15.81
N GLY C 62 9.21 19.48 -15.83
CA GLY C 62 9.51 20.67 -16.63
C GLY C 62 9.10 20.65 -18.08
N ASN C 63 8.64 19.51 -18.58
CA ASN C 63 8.21 19.42 -19.97
C ASN C 63 6.71 19.12 -20.05
N CYS C 64 6.13 19.39 -21.21
CA CYS C 64 4.71 19.13 -21.43
C CYS C 64 4.54 18.00 -22.45
N TYR C 65 3.60 17.11 -22.20
CA TYR C 65 3.37 15.99 -23.09
C TYR C 65 1.94 15.85 -23.56
N PHE C 66 1.78 15.52 -24.84
CA PHE C 66 0.46 15.35 -25.44
C PHE C 66 0.22 13.94 -25.94
N MET C 67 -0.89 13.35 -25.49
CA MET C 67 -1.27 12.02 -25.93
C MET C 67 -2.38 12.22 -26.95
N SER C 68 -2.05 11.95 -28.22
CA SER C 68 -2.98 12.12 -29.31
C SER C 68 -4.26 11.31 -29.17
N ASN C 69 -5.31 11.75 -29.84
CA ASN C 69 -6.60 11.07 -29.84
C ASN C 69 -6.78 10.31 -31.13
N SER C 70 -6.06 10.75 -32.16
CA SER C 70 -6.13 10.11 -33.46
C SER C 70 -4.89 9.26 -33.66
N GLN C 71 -4.84 8.54 -34.79
CA GLN C 71 -3.69 7.71 -35.10
C GLN C 71 -3.13 8.15 -36.44
N ARG C 72 -1.82 8.03 -36.60
CA ARG C 72 -1.16 8.42 -37.84
C ARG C 72 0.13 7.62 -38.01
N ASN C 73 0.63 7.57 -39.24
CA ASN C 73 1.88 6.86 -39.47
C ASN C 73 2.97 7.68 -38.81
N TRP C 74 4.14 7.07 -38.64
CA TRP C 74 5.25 7.74 -37.99
C TRP C 74 5.58 9.09 -38.59
N HIS C 75 5.69 9.16 -39.91
CA HIS C 75 6.03 10.42 -40.56
C HIS C 75 5.00 11.52 -40.31
N ASP C 76 3.72 11.18 -40.41
CA ASP C 76 2.69 12.17 -40.17
C ASP C 76 2.62 12.56 -38.69
N SER C 77 3.15 11.70 -37.82
CA SER C 77 3.17 12.00 -36.39
C SER C 77 4.26 13.05 -36.16
N VAL C 78 5.39 12.88 -36.85
CA VAL C 78 6.48 13.82 -36.72
C VAL C 78 6.06 15.24 -37.10
N THR C 79 5.21 15.36 -38.12
CA THR C 79 4.77 16.68 -38.55
C THR C 79 3.64 17.20 -37.69
N ALA C 80 2.81 16.29 -37.17
CA ALA C 80 1.70 16.70 -36.31
C ALA C 80 2.21 17.46 -35.08
N CYS C 81 3.34 17.02 -34.54
CA CYS C 81 3.94 17.66 -33.37
C CYS C 81 4.61 18.99 -33.71
N GLN C 82 5.24 19.04 -34.88
CA GLN C 82 5.90 20.28 -35.30
C GLN C 82 4.87 21.38 -35.46
N GLU C 83 3.65 21.01 -35.84
CA GLU C 83 2.58 21.98 -36.04
C GLU C 83 2.06 22.60 -34.74
N VAL C 84 2.45 22.01 -33.61
CA VAL C 84 2.03 22.55 -32.32
C VAL C 84 3.28 22.98 -31.58
N ARG C 85 4.35 23.24 -32.33
CA ARG C 85 5.63 23.66 -31.79
C ARG C 85 6.22 22.66 -30.81
N ALA C 86 5.99 21.38 -31.08
CA ALA C 86 6.50 20.32 -30.22
C ALA C 86 7.37 19.35 -31.00
N GLN C 87 7.49 18.13 -30.49
CA GLN C 87 8.33 17.12 -31.15
C GLN C 87 7.98 15.70 -30.72
N LEU C 88 7.92 14.78 -31.69
CA LEU C 88 7.64 13.38 -31.39
C LEU C 88 8.60 13.06 -30.25
N VAL C 89 8.06 12.78 -29.08
CA VAL C 89 8.87 12.52 -27.90
C VAL C 89 10.26 11.89 -28.09
N VAL C 90 11.27 12.65 -27.68
CA VAL C 90 12.66 12.23 -27.72
C VAL C 90 13.02 12.02 -26.25
N ILE C 91 13.19 10.76 -25.85
CA ILE C 91 13.50 10.42 -24.46
C ILE C 91 14.94 10.74 -24.07
N LYS C 92 15.12 11.48 -22.98
CA LYS C 92 16.47 11.86 -22.54
C LYS C 92 16.98 11.14 -21.30
N THR C 93 16.08 10.61 -20.48
CA THR C 93 16.51 9.92 -19.27
C THR C 93 15.69 8.68 -18.96
N ALA C 94 16.26 7.79 -18.16
CA ALA C 94 15.57 6.57 -17.77
C ALA C 94 14.24 6.91 -17.07
N GLU C 95 14.27 7.92 -16.21
CA GLU C 95 13.05 8.28 -15.49
C GLU C 95 11.97 8.77 -16.46
N GLU C 96 12.38 9.39 -17.57
CA GLU C 96 11.40 9.84 -18.55
C GLU C 96 10.86 8.61 -19.27
N GLN C 97 11.76 7.68 -19.60
CA GLN C 97 11.34 6.46 -20.27
C GLN C 97 10.27 5.73 -19.45
N ASN C 98 10.53 5.51 -18.16
CA ASN C 98 9.57 4.80 -17.33
C ASN C 98 8.25 5.54 -17.10
N PHE C 99 8.27 6.87 -17.09
CA PHE C 99 7.01 7.60 -16.91
C PHE C 99 6.12 7.38 -18.13
N LEU C 100 6.69 7.56 -19.32
CA LEU C 100 5.95 7.39 -20.57
C LEU C 100 5.52 5.94 -20.75
N GLN C 101 6.44 5.01 -20.53
CA GLN C 101 6.10 3.60 -20.67
C GLN C 101 4.86 3.26 -19.84
N LEU C 102 4.80 3.79 -18.61
CA LEU C 102 3.68 3.53 -17.71
C LEU C 102 2.37 4.10 -18.29
N GLN C 103 2.40 5.33 -18.78
CA GLN C 103 1.19 5.94 -19.31
C GLN C 103 0.66 5.17 -20.54
N THR C 104 1.55 4.78 -21.45
CA THR C 104 1.13 4.06 -22.64
C THR C 104 0.66 2.66 -22.26
N SER C 105 1.37 2.06 -21.31
CA SER C 105 1.04 0.72 -20.83
C SER C 105 -0.37 0.69 -20.22
N ARG C 106 -0.67 1.65 -19.36
CA ARG C 106 -1.98 1.72 -18.72
C ARG C 106 -3.13 2.00 -19.69
N SER C 107 -2.85 2.75 -20.75
CA SER C 107 -3.89 3.09 -21.71
C SER C 107 -4.13 2.08 -22.82
N ASN C 108 -3.30 1.04 -22.89
CA ASN C 108 -3.45 0.02 -23.92
C ASN C 108 -3.30 0.59 -25.33
N ARG C 109 -2.49 1.62 -25.47
CA ARG C 109 -2.29 2.26 -26.78
C ARG C 109 -0.86 2.23 -27.29
N PHE C 110 -0.65 1.66 -28.47
CA PHE C 110 0.68 1.64 -29.06
C PHE C 110 0.93 3.05 -29.57
N SER C 111 2.02 3.65 -29.12
CA SER C 111 2.33 5.01 -29.51
C SER C 111 3.74 5.19 -30.04
N TRP C 112 3.85 6.04 -31.05
CA TRP C 112 5.13 6.34 -31.68
C TRP C 112 5.95 7.23 -30.75
N MET C 113 7.26 7.15 -30.90
CA MET C 113 8.17 8.00 -30.16
C MET C 113 9.09 8.50 -31.29
N GLY C 114 9.76 9.63 -31.09
CA GLY C 114 10.63 10.14 -32.14
C GLY C 114 11.91 9.34 -32.35
N LEU C 115 11.78 8.04 -32.57
CA LEU C 115 12.96 7.18 -32.76
C LEU C 115 12.85 6.26 -33.99
N SER C 116 13.91 6.21 -34.79
CA SER C 116 13.89 5.37 -35.99
C SER C 116 15.26 4.99 -36.54
N ASP C 117 15.28 3.93 -37.35
CA ASP C 117 16.51 3.51 -38.01
C ASP C 117 16.24 3.50 -39.52
N LEU C 118 15.47 4.51 -39.96
CA LEU C 118 15.11 4.66 -41.38
C LEU C 118 16.29 4.90 -42.30
N ASN C 119 17.13 5.88 -41.95
CA ASN C 119 18.28 6.23 -42.78
C ASN C 119 19.33 5.12 -42.87
N GLN C 120 19.50 4.34 -41.80
CA GLN C 120 20.47 3.26 -41.81
C GLN C 120 20.06 2.13 -40.86
N GLU C 121 19.66 1.00 -41.44
CA GLU C 121 19.22 -0.14 -40.65
C GLU C 121 20.16 -0.49 -39.51
N GLY C 122 19.61 -0.71 -38.32
CA GLY C 122 20.40 -1.06 -37.17
C GLY C 122 20.95 0.10 -36.35
N THR C 123 20.98 1.30 -36.93
CA THR C 123 21.48 2.49 -36.24
C THR C 123 20.32 3.41 -35.88
N TRP C 124 19.79 3.25 -34.66
CA TRP C 124 18.66 4.07 -34.24
C TRP C 124 19.04 5.48 -33.82
N GLN C 125 18.22 6.45 -34.22
CA GLN C 125 18.45 7.85 -33.90
C GLN C 125 17.15 8.58 -33.60
N TRP C 126 17.22 9.56 -32.71
CA TRP C 126 16.04 10.34 -32.35
C TRP C 126 15.86 11.42 -33.40
N VAL C 127 14.65 11.96 -33.50
CA VAL C 127 14.37 12.99 -34.48
C VAL C 127 15.12 14.30 -34.22
N ASP C 128 15.85 14.36 -33.12
CA ASP C 128 16.61 15.56 -32.78
C ASP C 128 18.09 15.34 -33.16
N GLY C 129 18.34 14.28 -33.91
CA GLY C 129 19.70 13.99 -34.35
C GLY C 129 20.53 13.13 -33.41
N SER C 130 20.30 13.25 -32.12
CA SER C 130 21.06 12.48 -31.13
C SER C 130 20.91 10.97 -31.36
N PRO C 131 21.97 10.20 -31.10
CA PRO C 131 21.95 8.75 -31.27
C PRO C 131 21.43 8.06 -30.03
N LEU C 132 20.84 6.89 -30.23
CA LEU C 132 20.30 6.10 -29.12
C LEU C 132 21.45 5.53 -28.29
N SER C 133 21.61 6.02 -27.06
CA SER C 133 22.70 5.56 -26.19
C SER C 133 22.59 4.07 -25.86
N PRO C 134 23.73 3.40 -25.63
CA PRO C 134 23.78 1.98 -25.30
C PRO C 134 22.91 1.62 -24.09
N SER C 135 22.82 2.53 -23.13
CA SER C 135 22.05 2.30 -21.92
C SER C 135 20.54 2.22 -22.14
N PHE C 136 20.08 2.64 -23.32
CA PHE C 136 18.64 2.59 -23.62
C PHE C 136 18.24 1.31 -24.35
N GLN C 137 19.22 0.52 -24.80
CA GLN C 137 18.93 -0.72 -25.50
C GLN C 137 18.13 -1.72 -24.65
N ARG C 138 18.20 -1.56 -23.34
CA ARG C 138 17.49 -2.44 -22.41
C ARG C 138 15.97 -2.30 -22.47
N TYR C 139 15.49 -1.23 -23.10
CA TYR C 139 14.06 -0.99 -23.16
C TYR C 139 13.31 -1.73 -24.26
N TRP C 140 14.03 -2.36 -25.18
CA TRP C 140 13.38 -3.11 -26.26
C TRP C 140 12.73 -4.36 -25.68
N ASN C 141 11.55 -4.72 -26.15
CA ASN C 141 10.91 -5.94 -25.66
C ASN C 141 11.81 -7.10 -26.09
N SER C 142 11.60 -8.28 -25.50
CA SER C 142 12.41 -9.45 -25.86
C SER C 142 12.24 -9.76 -27.33
N GLY C 143 13.36 -9.94 -28.03
CA GLY C 143 13.30 -10.24 -29.45
C GLY C 143 13.45 -9.01 -30.32
N GLU C 144 13.13 -7.85 -29.77
CA GLU C 144 13.23 -6.61 -30.51
C GLU C 144 14.60 -5.94 -30.40
N PRO C 145 14.98 -5.13 -31.40
CA PRO C 145 14.17 -4.85 -32.59
C PRO C 145 14.46 -5.92 -33.64
N ASN C 146 13.41 -6.55 -34.18
CA ASN C 146 13.63 -7.62 -35.14
C ASN C 146 13.50 -7.24 -36.62
N ASN C 147 13.20 -5.98 -36.90
CA ASN C 147 13.03 -5.50 -38.28
C ASN C 147 12.28 -6.53 -39.12
N SER C 148 11.22 -7.08 -38.54
CA SER C 148 10.41 -8.10 -39.23
C SER C 148 9.57 -7.43 -40.31
N GLY C 149 9.90 -7.72 -41.57
CA GLY C 149 9.17 -7.11 -42.67
C GLY C 149 9.65 -5.68 -42.78
N ASN C 150 10.84 -5.44 -42.25
CA ASN C 150 11.47 -4.12 -42.24
C ASN C 150 10.64 -3.11 -41.44
N GLU C 151 11.05 -2.88 -40.21
CA GLU C 151 10.38 -1.94 -39.32
C GLU C 151 11.42 -0.95 -38.83
N ASP C 152 11.19 0.32 -39.12
CA ASP C 152 12.16 1.34 -38.76
C ASP C 152 11.69 2.38 -37.74
N CYS C 153 10.51 2.19 -37.16
CA CYS C 153 10.02 3.17 -36.21
C CYS C 153 9.68 2.56 -34.86
N ALA C 154 10.19 3.17 -33.81
CA ALA C 154 9.97 2.70 -32.44
C ALA C 154 8.62 3.13 -31.88
N GLU C 155 7.97 2.20 -31.19
CA GLU C 155 6.67 2.46 -30.58
C GLU C 155 6.68 1.84 -29.18
N PHE C 156 5.84 2.39 -28.31
CA PHE C 156 5.70 1.85 -26.97
C PHE C 156 4.75 0.67 -27.16
N SER C 157 5.18 -0.50 -26.70
CA SER C 157 4.39 -1.73 -26.84
C SER C 157 4.47 -2.54 -25.57
N GLY C 158 3.36 -2.57 -24.83
CA GLY C 158 3.34 -3.31 -23.59
C GLY C 158 4.25 -2.63 -22.57
N SER C 159 5.24 -3.36 -22.07
CA SER C 159 6.15 -2.84 -21.07
C SER C 159 7.45 -2.29 -21.64
N GLY C 160 7.59 -2.30 -22.97
CA GLY C 160 8.81 -1.81 -23.57
C GLY C 160 8.64 -1.27 -24.97
N TRP C 161 9.72 -1.35 -25.75
CA TRP C 161 9.70 -0.86 -27.12
C TRP C 161 9.65 -1.95 -28.18
N ASN C 162 9.02 -1.61 -29.29
CA ASN C 162 8.94 -2.51 -30.42
C ASN C 162 9.14 -1.70 -31.69
N ASP C 163 9.92 -2.25 -32.62
CA ASP C 163 10.13 -1.57 -33.88
C ASP C 163 8.98 -1.99 -34.79
N ASN C 164 8.29 -1.01 -35.36
CA ASN C 164 7.16 -1.29 -36.23
C ASN C 164 7.32 -0.59 -37.57
N ARG C 165 6.52 -1.00 -38.56
CA ARG C 165 6.57 -0.40 -39.90
C ARG C 165 6.15 1.06 -39.81
N CYS C 166 6.90 1.93 -40.49
CA CYS C 166 6.61 3.36 -40.46
C CYS C 166 5.25 3.77 -41.02
N ASP C 167 4.60 2.87 -41.74
CA ASP C 167 3.30 3.17 -42.36
C ASP C 167 2.08 2.79 -41.53
N VAL C 168 2.30 2.14 -40.40
CA VAL C 168 1.20 1.74 -39.54
C VAL C 168 0.66 2.97 -38.80
N ASP C 169 -0.63 2.94 -38.45
CA ASP C 169 -1.22 4.04 -37.72
C ASP C 169 -1.15 3.76 -36.21
N ASN C 170 -0.49 4.66 -35.50
CA ASN C 170 -0.36 4.54 -34.04
C ASN C 170 -0.68 5.89 -33.44
N TYR C 171 -0.95 5.90 -32.13
CA TYR C 171 -1.18 7.16 -31.45
C TYR C 171 0.23 7.68 -31.33
N TRP C 172 0.39 8.97 -31.03
CA TRP C 172 1.74 9.51 -30.89
C TRP C 172 1.83 10.41 -29.67
N ILE C 173 3.06 10.76 -29.28
CA ILE C 173 3.28 11.61 -28.12
C ILE C 173 4.17 12.80 -28.45
N CYS C 174 3.65 14.02 -28.27
CA CYS C 174 4.42 15.22 -28.53
C CYS C 174 5.00 15.74 -27.22
N LYS C 175 6.19 16.35 -27.31
CA LYS C 175 6.87 16.90 -26.16
C LYS C 175 7.41 18.31 -26.43
N LYS C 176 7.33 19.17 -25.43
CA LYS C 176 7.86 20.52 -25.54
C LYS C 176 8.07 21.10 -24.15
N PRO C 177 9.04 22.01 -24.00
CA PRO C 177 9.31 22.62 -22.70
C PRO C 177 8.09 23.34 -22.13
N ALA C 178 8.03 23.45 -20.80
CA ALA C 178 6.94 24.16 -20.14
C ALA C 178 7.28 25.64 -20.31
N ALA C 179 6.26 26.49 -20.34
CA ALA C 179 6.48 27.92 -20.54
C ALA C 179 6.32 28.78 -19.30
N CYS C 180 6.98 29.94 -19.32
CA CYS C 180 6.93 30.90 -18.22
C CYS C 180 5.62 31.68 -18.24
N PHE C 181 5.05 31.84 -19.43
CA PHE C 181 3.77 32.55 -19.58
C PHE C 181 2.79 31.68 -20.35
N ARG C 182 1.52 32.08 -20.36
CA ARG C 182 0.47 31.34 -21.05
C ARG C 182 0.21 31.88 -22.46
N PRO D 4 15.14 24.38 20.72
CA PRO D 4 15.02 24.18 19.26
C PRO D 4 16.38 23.88 18.64
N GLU D 5 16.42 23.79 17.31
CA GLU D 5 17.67 23.51 16.60
C GLU D 5 18.17 24.75 15.86
N LYS D 6 17.25 25.52 15.29
CA LYS D 6 17.61 26.74 14.57
C LYS D 6 17.90 27.84 15.58
N SER D 7 17.99 27.45 16.85
CA SER D 7 18.26 28.37 17.94
C SER D 7 19.53 27.92 18.68
N LYS D 8 20.22 26.93 18.11
CA LYS D 8 21.45 26.41 18.70
C LYS D 8 22.68 26.74 17.86
N LEU D 9 23.46 25.72 17.51
CA LEU D 9 24.66 25.90 16.72
C LEU D 9 24.42 26.68 15.43
N GLN D 10 23.21 26.57 14.89
CA GLN D 10 22.86 27.27 13.65
C GLN D 10 22.75 28.77 13.84
N GLU D 11 22.38 29.19 15.04
CA GLU D 11 22.23 30.61 15.35
C GLU D 11 23.59 31.27 15.53
N ILE D 12 24.53 30.53 16.12
CA ILE D 12 25.88 31.05 16.34
C ILE D 12 26.49 31.47 15.02
N TYR D 13 26.39 30.58 14.03
CA TYR D 13 26.91 30.84 12.69
C TYR D 13 26.13 31.97 12.06
N GLN D 14 24.82 31.94 12.23
CA GLN D 14 23.95 32.97 11.68
C GLN D 14 24.43 34.34 12.14
N GLU D 15 24.81 34.46 13.42
CA GLU D 15 25.28 35.73 13.94
C GLU D 15 26.62 36.12 13.35
N LEU D 16 27.56 35.16 13.29
CA LEU D 16 28.88 35.44 12.72
C LEU D 16 28.73 36.03 11.33
N THR D 17 27.77 35.52 10.57
CA THR D 17 27.53 36.02 9.23
C THR D 17 27.13 37.49 9.32
N GLN D 18 26.20 37.79 10.23
CA GLN D 18 25.72 39.15 10.42
C GLN D 18 26.81 40.11 10.91
N LEU D 19 27.68 39.63 11.80
CA LEU D 19 28.76 40.46 12.32
C LEU D 19 29.68 40.77 11.16
N LYS D 20 29.90 39.76 10.32
CA LYS D 20 30.75 39.87 9.15
C LYS D 20 30.31 41.07 8.31
N ALA D 21 29.15 40.95 7.67
CA ALA D 21 28.63 42.00 6.82
C ALA D 21 28.25 43.26 7.59
N ALA D 22 29.01 43.57 8.64
CA ALA D 22 28.74 44.75 9.44
C ALA D 22 30.04 45.41 9.90
N GLN D 34 42.25 42.36 8.84
CA GLN D 34 42.52 42.17 10.27
C GLN D 34 41.33 41.55 11.00
N ILE D 35 40.22 42.29 11.02
CA ILE D 35 39.01 41.82 11.69
C ILE D 35 38.63 40.42 11.20
N TYR D 36 38.72 40.20 9.89
CA TYR D 36 38.39 38.91 9.31
C TYR D 36 39.23 37.78 9.89
N GLN D 37 40.46 38.09 10.27
CA GLN D 37 41.35 37.08 10.84
C GLN D 37 40.85 36.64 12.19
N GLU D 38 40.70 37.58 13.11
CA GLU D 38 40.21 37.25 14.45
C GLU D 38 38.77 36.76 14.43
N LEU D 39 38.14 36.87 13.26
CA LEU D 39 36.78 36.41 13.08
C LEU D 39 36.88 34.95 12.62
N THR D 40 38.00 34.63 11.98
CA THR D 40 38.26 33.28 11.48
C THR D 40 38.79 32.43 12.63
N ASP D 41 39.51 33.07 13.54
CA ASP D 41 40.06 32.39 14.71
C ASP D 41 38.93 31.99 15.65
N LEU D 42 37.83 32.74 15.57
CA LEU D 42 36.67 32.49 16.41
C LEU D 42 35.82 31.37 15.84
N LYS D 43 35.49 31.45 14.56
CA LYS D 43 34.69 30.42 13.91
C LYS D 43 35.34 29.06 14.08
N THR D 44 36.67 29.05 14.14
CA THR D 44 37.42 27.82 14.29
C THR D 44 37.26 27.27 15.70
N ALA D 45 37.36 28.14 16.70
CA ALA D 45 37.21 27.73 18.09
C ALA D 45 35.84 27.06 18.30
N PHE D 46 34.81 27.63 17.69
CA PHE D 46 33.47 27.06 17.81
C PHE D 46 33.45 25.66 17.23
N GLU D 47 34.00 25.53 16.02
CA GLU D 47 34.05 24.26 15.33
C GLU D 47 34.90 23.21 16.03
N ARG D 48 35.80 23.62 16.91
CA ARG D 48 36.63 22.65 17.63
C ARG D 48 35.93 22.17 18.89
N LEU D 49 35.03 23.01 19.40
CA LEU D 49 34.28 22.68 20.61
C LEU D 49 32.99 21.92 20.32
N CYS D 50 32.24 22.41 19.34
CA CYS D 50 30.96 21.83 18.99
C CYS D 50 30.95 20.64 18.02
N ARG D 51 31.33 19.48 18.53
CA ARG D 51 31.33 18.26 17.74
C ARG D 51 30.93 17.08 18.58
N HIS D 52 29.97 17.31 19.49
CA HIS D 52 29.48 16.26 20.36
C HIS D 52 28.26 15.58 19.74
N CYS D 53 28.32 14.25 19.64
CA CYS D 53 27.22 13.49 19.08
C CYS D 53 26.67 12.55 20.12
N PRO D 54 25.37 12.24 20.03
CA PRO D 54 24.80 11.32 21.03
C PRO D 54 25.57 10.02 20.92
N LYS D 55 25.42 9.13 21.90
CA LYS D 55 26.13 7.87 21.85
C LYS D 55 25.61 7.04 20.68
N ASP D 56 26.53 6.32 20.04
CA ASP D 56 26.21 5.46 18.90
C ASP D 56 26.06 6.21 17.58
N TRP D 57 26.13 7.55 17.61
CA TRP D 57 26.03 8.32 16.38
C TRP D 57 27.43 8.57 15.86
N THR D 58 27.53 9.09 14.63
CA THR D 58 28.83 9.34 14.03
C THR D 58 29.00 10.81 13.66
N PHE D 59 30.16 11.36 13.99
CA PHE D 59 30.46 12.75 13.67
C PHE D 59 31.11 12.84 12.30
N PHE D 60 30.69 13.82 11.52
CA PHE D 60 31.25 14.05 10.19
C PHE D 60 30.93 15.47 9.76
N GLN D 61 31.96 16.28 9.60
CA GLN D 61 31.81 17.66 9.14
C GLN D 61 30.73 18.49 9.82
N GLY D 62 30.76 18.53 11.16
CA GLY D 62 29.81 19.33 11.90
C GLY D 62 28.40 18.78 12.08
N ASN D 63 28.20 17.51 11.73
CA ASN D 63 26.89 16.88 11.87
C ASN D 63 27.00 15.48 12.47
N CYS D 64 25.90 15.01 13.04
CA CYS D 64 25.85 13.69 13.64
C CYS D 64 24.95 12.81 12.79
N TYR D 65 25.35 11.56 12.62
CA TYR D 65 24.60 10.62 11.82
C TYR D 65 24.29 9.31 12.55
N PHE D 66 23.01 8.96 12.62
CA PHE D 66 22.61 7.71 13.24
C PHE D 66 22.27 6.71 12.15
N MET D 67 22.90 5.54 12.20
CA MET D 67 22.64 4.47 11.25
C MET D 67 21.93 3.37 12.00
N SER D 68 20.64 3.19 11.71
CA SER D 68 19.82 2.17 12.39
C SER D 68 20.31 0.75 12.11
N ASN D 69 20.01 -0.18 13.00
CA ASN D 69 20.40 -1.57 12.79
C ASN D 69 19.16 -2.44 12.59
N SER D 70 18.02 -1.80 12.31
CA SER D 70 16.77 -2.50 12.02
C SER D 70 16.05 -1.69 10.94
N GLN D 71 15.03 -2.27 10.32
CA GLN D 71 14.34 -1.58 9.24
C GLN D 71 12.93 -1.05 9.54
N ARG D 72 12.55 -0.03 8.77
CA ARG D 72 11.23 0.61 8.84
C ARG D 72 10.87 1.06 7.41
N ASN D 73 9.62 1.43 7.18
CA ASN D 73 9.26 1.92 5.85
C ASN D 73 9.69 3.39 5.83
N TRP D 74 9.60 4.04 4.68
CA TRP D 74 10.02 5.43 4.57
C TRP D 74 9.34 6.42 5.53
N HIS D 75 8.01 6.42 5.56
CA HIS D 75 7.28 7.34 6.42
C HIS D 75 7.61 7.17 7.90
N ASP D 76 7.76 5.94 8.36
CA ASP D 76 8.08 5.68 9.75
C ASP D 76 9.51 6.08 10.05
N SER D 77 10.36 6.10 9.01
CA SER D 77 11.75 6.50 9.20
C SER D 77 11.79 8.01 9.37
N VAL D 78 10.93 8.71 8.62
CA VAL D 78 10.85 10.16 8.73
C VAL D 78 10.47 10.47 10.17
N THR D 79 9.50 9.74 10.69
CA THR D 79 9.02 9.91 12.05
C THR D 79 10.08 9.50 13.06
N ALA D 80 10.78 8.40 12.81
CA ALA D 80 11.82 7.95 13.74
C ALA D 80 12.86 9.03 13.98
N CYS D 81 13.30 9.69 12.93
CA CYS D 81 14.31 10.73 13.08
C CYS D 81 13.81 11.95 13.84
N GLN D 82 12.54 12.29 13.68
CA GLN D 82 11.99 13.46 14.36
C GLN D 82 11.90 13.26 15.87
N GLU D 83 11.69 12.02 16.31
CA GLU D 83 11.58 11.73 17.73
C GLU D 83 12.91 11.90 18.45
N VAL D 84 14.02 11.89 17.72
CA VAL D 84 15.33 12.08 18.34
C VAL D 84 15.90 13.41 17.89
N ARG D 85 15.01 14.35 17.62
CA ARG D 85 15.39 15.70 17.21
C ARG D 85 16.22 15.76 15.93
N ALA D 86 16.07 14.79 15.04
CA ALA D 86 16.85 14.78 13.81
C ALA D 86 15.96 14.81 12.57
N GLN D 87 16.56 14.50 11.43
CA GLN D 87 15.85 14.50 10.16
C GLN D 87 16.41 13.41 9.24
N LEU D 88 15.53 12.64 8.57
CA LEU D 88 15.98 11.61 7.64
C LEU D 88 16.98 12.35 6.76
N VAL D 89 18.19 11.84 6.69
CA VAL D 89 19.27 12.51 5.98
C VAL D 89 19.01 13.25 4.68
N VAL D 90 19.27 14.55 4.72
CA VAL D 90 19.15 15.43 3.57
C VAL D 90 20.60 15.72 3.18
N ILE D 91 20.99 15.32 1.98
CA ILE D 91 22.35 15.52 1.50
C ILE D 91 22.57 16.88 0.85
N LYS D 92 23.58 17.59 1.31
CA LYS D 92 23.91 18.91 0.79
C LYS D 92 25.19 19.02 -0.03
N THR D 93 26.11 18.07 0.13
CA THR D 93 27.37 18.13 -0.62
C THR D 93 27.88 16.79 -1.14
N ALA D 94 28.73 16.84 -2.16
CA ALA D 94 29.32 15.65 -2.74
C ALA D 94 30.09 14.85 -1.70
N GLU D 95 30.84 15.56 -0.85
CA GLU D 95 31.62 14.90 0.19
C GLU D 95 30.72 14.17 1.18
N GLU D 96 29.55 14.75 1.46
CA GLU D 96 28.61 14.11 2.38
C GLU D 96 28.04 12.87 1.70
N GLN D 97 27.73 13.00 0.41
CA GLN D 97 27.19 11.89 -0.37
C GLN D 97 28.20 10.75 -0.40
N ASN D 98 29.47 11.08 -0.64
CA ASN D 98 30.53 10.07 -0.68
C ASN D 98 30.64 9.41 0.69
N PHE D 99 30.54 10.21 1.74
CA PHE D 99 30.63 9.69 3.09
C PHE D 99 29.51 8.68 3.35
N LEU D 100 28.27 9.12 3.13
CA LEU D 100 27.12 8.25 3.34
C LEU D 100 27.14 7.00 2.48
N GLN D 101 27.42 7.16 1.19
CA GLN D 101 27.45 6.01 0.28
C GLN D 101 28.48 5.00 0.74
N LEU D 102 29.53 5.47 1.38
CA LEU D 102 30.58 4.60 1.87
C LEU D 102 30.07 3.83 3.09
N GLN D 103 29.32 4.51 3.96
CA GLN D 103 28.78 3.87 5.16
C GLN D 103 27.81 2.74 4.83
N THR D 104 26.81 3.04 4.01
CA THR D 104 25.81 2.04 3.62
C THR D 104 26.45 0.91 2.83
N SER D 105 27.47 1.26 2.06
CA SER D 105 28.20 0.32 1.22
C SER D 105 29.01 -0.70 2.06
N ARG D 106 29.58 -0.23 3.17
CA ARG D 106 30.37 -1.10 4.04
C ARG D 106 29.47 -2.02 4.86
N SER D 107 28.25 -1.58 5.14
CA SER D 107 27.36 -2.40 5.94
C SER D 107 26.40 -3.25 5.13
N ASN D 108 26.33 -3.01 3.82
CA ASN D 108 25.41 -3.75 2.94
C ASN D 108 23.97 -3.44 3.36
N ARG D 109 23.71 -2.18 3.69
CA ARG D 109 22.38 -1.78 4.12
C ARG D 109 21.62 -0.87 3.15
N PHE D 110 20.55 -1.39 2.56
CA PHE D 110 19.75 -0.55 1.68
C PHE D 110 19.19 0.46 2.69
N SER D 111 19.52 1.74 2.50
CA SER D 111 19.08 2.75 3.44
C SER D 111 18.30 3.92 2.88
N TRP D 112 17.28 4.33 3.63
CA TRP D 112 16.44 5.45 3.24
C TRP D 112 17.17 6.78 3.47
N MET D 113 16.87 7.77 2.63
CA MET D 113 17.41 9.13 2.78
C MET D 113 16.16 10.02 2.74
N GLY D 114 16.27 11.28 3.17
CA GLY D 114 15.10 12.14 3.17
C GLY D 114 14.79 12.74 1.82
N LEU D 115 14.58 11.87 0.84
CA LEU D 115 14.32 12.31 -0.53
C LEU D 115 13.18 11.53 -1.17
N SER D 116 12.25 12.24 -1.80
CA SER D 116 11.10 11.57 -2.42
C SER D 116 10.44 12.42 -3.49
N ASP D 117 9.55 11.79 -4.26
CA ASP D 117 8.80 12.49 -5.29
C ASP D 117 7.32 12.18 -5.03
N LEU D 118 7.00 12.10 -3.72
CA LEU D 118 5.65 11.79 -3.25
C LEU D 118 4.60 12.85 -3.53
N ASN D 119 5.01 14.12 -3.49
CA ASN D 119 4.04 15.18 -3.73
C ASN D 119 3.66 15.28 -5.21
N GLN D 120 4.66 15.20 -6.09
CA GLN D 120 4.43 15.26 -7.54
C GLN D 120 5.38 14.29 -8.24
N GLU D 121 4.83 13.24 -8.82
CA GLU D 121 5.62 12.23 -9.50
C GLU D 121 6.68 12.85 -10.42
N GLY D 122 7.91 12.37 -10.29
CA GLY D 122 8.99 12.86 -11.10
C GLY D 122 9.68 14.10 -10.52
N THR D 123 8.99 14.83 -9.65
CA THR D 123 9.56 16.03 -9.04
C THR D 123 10.16 15.70 -7.68
N TRP D 124 11.44 15.40 -7.66
CA TRP D 124 12.13 15.04 -6.43
C TRP D 124 12.46 16.18 -5.48
N GLN D 125 12.09 16.00 -4.22
CA GLN D 125 12.30 16.98 -3.15
C GLN D 125 12.86 16.35 -1.88
N TRP D 126 13.76 17.07 -1.22
CA TRP D 126 14.32 16.61 0.05
C TRP D 126 13.24 16.93 1.10
N VAL D 127 13.26 16.22 2.23
CA VAL D 127 12.25 16.46 3.25
C VAL D 127 12.31 17.86 3.88
N ASP D 128 13.38 18.60 3.62
CA ASP D 128 13.48 19.94 4.17
C ASP D 128 12.81 20.95 3.23
N GLY D 129 12.27 20.46 2.11
CA GLY D 129 11.60 21.33 1.17
C GLY D 129 12.41 21.74 -0.03
N SER D 130 13.72 21.52 0.00
CA SER D 130 14.55 21.88 -1.12
C SER D 130 14.44 20.85 -2.24
N PRO D 131 14.57 21.30 -3.50
CA PRO D 131 14.48 20.40 -4.65
C PRO D 131 15.79 19.66 -4.92
N LEU D 132 15.68 18.54 -5.64
CA LEU D 132 16.86 17.76 -5.99
C LEU D 132 17.55 18.51 -7.12
N SER D 133 18.76 19.02 -6.85
CA SER D 133 19.49 19.78 -7.86
C SER D 133 20.08 18.85 -8.92
N PRO D 134 20.21 19.34 -10.17
CA PRO D 134 20.75 18.59 -11.30
C PRO D 134 22.11 17.98 -11.03
N SER D 135 22.90 18.64 -10.19
CA SER D 135 24.24 18.15 -9.87
C SER D 135 24.19 16.83 -9.10
N PHE D 136 22.99 16.42 -8.68
CA PHE D 136 22.88 15.18 -7.93
C PHE D 136 22.38 14.03 -8.79
N GLN D 137 21.84 14.34 -9.96
CA GLN D 137 21.33 13.30 -10.86
C GLN D 137 22.35 12.20 -11.12
N ARG D 138 23.63 12.55 -11.07
CA ARG D 138 24.71 11.61 -11.30
C ARG D 138 24.73 10.44 -10.29
N TYR D 139 24.01 10.58 -9.19
CA TYR D 139 24.03 9.53 -8.18
C TYR D 139 23.04 8.40 -8.37
N TRP D 140 21.98 8.64 -9.14
CA TRP D 140 21.02 7.57 -9.37
C TRP D 140 21.73 6.38 -10.04
N ASN D 141 21.36 5.15 -9.67
CA ASN D 141 21.98 3.99 -10.30
C ASN D 141 21.52 4.02 -11.76
N SER D 142 22.26 3.31 -12.62
CA SER D 142 21.93 3.24 -14.03
C SER D 142 20.50 2.74 -14.22
N GLY D 143 19.68 3.50 -14.93
CA GLY D 143 18.30 3.09 -15.15
C GLY D 143 17.32 3.59 -14.10
N GLU D 144 17.80 4.30 -13.09
CA GLU D 144 16.93 4.84 -12.04
C GLU D 144 16.87 6.36 -12.19
N PRO D 145 15.81 6.99 -11.66
CA PRO D 145 14.72 6.31 -10.95
C PRO D 145 13.74 5.76 -11.99
N ASN D 146 13.27 4.53 -11.77
CA ASN D 146 12.36 3.89 -12.72
C ASN D 146 10.91 3.84 -12.27
N ASN D 147 10.64 4.29 -11.05
CA ASN D 147 9.27 4.31 -10.53
C ASN D 147 8.55 2.98 -10.74
N SER D 148 9.29 1.88 -10.75
CA SER D 148 8.70 0.57 -10.99
C SER D 148 7.68 0.19 -9.93
N GLY D 149 6.42 0.13 -10.31
CA GLY D 149 5.38 -0.20 -9.38
C GLY D 149 5.02 1.01 -8.53
N ASN D 150 5.40 2.19 -9.01
CA ASN D 150 5.13 3.46 -8.32
C ASN D 150 5.99 3.62 -7.06
N GLU D 151 7.26 3.93 -7.26
CA GLU D 151 8.22 4.10 -6.17
C GLU D 151 8.52 5.58 -5.98
N ASP D 152 8.29 6.10 -4.78
CA ASP D 152 8.54 7.51 -4.53
C ASP D 152 9.59 7.85 -3.47
N CYS D 153 10.31 6.86 -2.97
CA CYS D 153 11.30 7.12 -1.92
C CYS D 153 12.71 6.68 -2.27
N ALA D 154 13.67 7.56 -2.01
CA ALA D 154 15.08 7.29 -2.31
C ALA D 154 15.81 6.49 -1.24
N GLU D 155 16.59 5.53 -1.67
CA GLU D 155 17.36 4.69 -0.77
C GLU D 155 18.78 4.56 -1.33
N PHE D 156 19.76 4.30 -0.46
CA PHE D 156 21.12 4.07 -0.93
C PHE D 156 21.04 2.63 -1.43
N SER D 157 21.58 2.39 -2.62
CA SER D 157 21.51 1.07 -3.23
C SER D 157 22.77 0.78 -4.04
N GLY D 158 23.58 -0.17 -3.58
CA GLY D 158 24.80 -0.48 -4.29
C GLY D 158 25.69 0.74 -4.28
N SER D 159 26.12 1.19 -5.46
CA SER D 159 27.00 2.35 -5.54
C SER D 159 26.29 3.70 -5.75
N GLY D 160 24.97 3.69 -5.88
CA GLY D 160 24.25 4.93 -6.07
C GLY D 160 22.89 4.96 -5.36
N TRP D 161 21.93 5.68 -5.94
CA TRP D 161 20.60 5.79 -5.37
C TRP D 161 19.56 5.04 -6.19
N ASN D 162 18.47 4.68 -5.55
CA ASN D 162 17.40 3.99 -6.23
C ASN D 162 16.10 4.44 -5.60
N ASP D 163 15.05 4.57 -6.42
CA ASP D 163 13.75 4.94 -5.86
C ASP D 163 13.09 3.61 -5.53
N ASN D 164 12.45 3.54 -4.36
CA ASN D 164 11.81 2.29 -3.96
C ASN D 164 10.41 2.55 -3.43
N ARG D 165 9.64 1.47 -3.32
CA ARG D 165 8.28 1.52 -2.79
C ARG D 165 8.39 2.10 -1.39
N CYS D 166 7.59 3.11 -1.10
CA CYS D 166 7.67 3.72 0.22
C CYS D 166 7.35 2.77 1.37
N ASP D 167 6.68 1.65 1.09
CA ASP D 167 6.31 0.72 2.16
C ASP D 167 7.34 -0.35 2.47
N VAL D 168 8.44 -0.36 1.74
CA VAL D 168 9.50 -1.34 1.95
C VAL D 168 10.29 -1.12 3.24
N ASP D 169 10.72 -2.20 3.87
CA ASP D 169 11.50 -2.08 5.09
C ASP D 169 12.98 -1.86 4.78
N ASN D 170 13.48 -0.67 5.05
CA ASN D 170 14.89 -0.35 4.82
C ASN D 170 15.50 0.21 6.10
N TYR D 171 16.82 0.20 6.17
CA TYR D 171 17.48 0.79 7.32
C TYR D 171 17.36 2.28 7.02
N TRP D 172 17.61 3.13 8.01
CA TRP D 172 17.51 4.56 7.77
C TRP D 172 18.67 5.33 8.39
N ILE D 173 18.85 6.57 7.96
CA ILE D 173 19.92 7.42 8.45
C ILE D 173 19.41 8.78 8.88
N CYS D 174 19.61 9.11 10.15
CA CYS D 174 19.19 10.41 10.68
C CYS D 174 20.38 11.36 10.73
N LYS D 175 20.10 12.64 10.63
CA LYS D 175 21.13 13.66 10.65
C LYS D 175 20.73 14.86 11.49
N LYS D 176 21.66 15.35 12.30
CA LYS D 176 21.41 16.53 13.12
C LYS D 176 22.73 17.21 13.45
N PRO D 177 22.69 18.53 13.62
CA PRO D 177 23.89 19.31 13.94
C PRO D 177 24.58 18.78 15.18
N ALA D 178 25.90 18.90 15.21
CA ALA D 178 26.67 18.47 16.37
C ALA D 178 26.35 19.44 17.50
N ALA D 179 26.55 19.00 18.74
CA ALA D 179 26.29 19.85 19.90
C ALA D 179 27.60 20.28 20.54
N CYS D 180 27.57 21.40 21.27
CA CYS D 180 28.78 21.89 21.93
C CYS D 180 29.07 21.25 23.29
N PHE D 181 28.09 20.53 23.84
CA PHE D 181 28.29 19.89 25.13
C PHE D 181 27.82 18.43 25.17
N ARG D 182 28.59 17.58 25.84
CA ARG D 182 28.25 16.17 25.94
C ARG D 182 26.89 16.00 26.61
N PRO E 4 -14.66 5.72 31.21
CA PRO E 4 -13.37 5.07 30.87
C PRO E 4 -13.37 3.63 31.33
N GLU E 5 -12.76 2.75 30.54
CA GLU E 5 -12.69 1.33 30.89
C GLU E 5 -11.95 1.06 32.20
N LYS E 6 -10.92 1.87 32.47
CA LYS E 6 -10.14 1.73 33.69
C LYS E 6 -10.90 2.17 34.93
N SER E 7 -11.88 3.05 34.74
CA SER E 7 -12.70 3.55 35.85
C SER E 7 -13.93 2.67 36.05
N LYS E 8 -13.97 1.54 35.34
CA LYS E 8 -15.09 0.62 35.43
C LYS E 8 -14.77 -0.67 36.20
N LEU E 9 -15.31 -1.78 35.71
CA LEU E 9 -15.11 -3.08 36.33
C LEU E 9 -13.66 -3.34 36.78
N GLN E 10 -12.70 -2.84 36.01
CA GLN E 10 -11.29 -3.03 36.36
C GLN E 10 -10.95 -2.36 37.68
N GLU E 11 -11.58 -1.22 37.95
CA GLU E 11 -11.31 -0.50 39.19
C GLU E 11 -11.85 -1.28 40.39
N ILE E 12 -12.91 -2.06 40.16
CA ILE E 12 -13.51 -2.85 41.22
C ILE E 12 -12.62 -4.04 41.59
N TYR E 13 -12.08 -4.73 40.59
CA TYR E 13 -11.20 -5.85 40.86
C TYR E 13 -9.91 -5.27 41.43
N GLN E 14 -9.54 -4.09 40.93
CA GLN E 14 -8.35 -3.39 41.37
C GLN E 14 -8.41 -3.12 42.87
N GLU E 15 -9.61 -2.78 43.35
CA GLU E 15 -9.82 -2.50 44.76
C GLU E 15 -9.87 -3.77 45.59
N LEU E 16 -10.41 -4.85 45.00
CA LEU E 16 -10.48 -6.12 45.71
C LEU E 16 -9.07 -6.57 46.05
N THR E 17 -8.15 -6.30 45.13
CA THR E 17 -6.74 -6.66 45.31
C THR E 17 -6.12 -5.89 46.49
N GLN E 18 -6.41 -4.60 46.57
CA GLN E 18 -5.87 -3.75 47.63
C GLN E 18 -6.47 -4.07 49.00
N LEU E 19 -7.74 -4.48 49.02
CA LEU E 19 -8.37 -4.82 50.28
C LEU E 19 -7.77 -6.15 50.71
N LYS E 20 -7.40 -6.96 49.73
CA LYS E 20 -6.80 -8.26 49.97
C LYS E 20 -5.59 -8.09 50.87
N ALA E 21 -4.76 -7.09 50.55
CA ALA E 21 -3.57 -6.80 51.33
C ALA E 21 -3.95 -6.09 52.63
N ALA E 22 -4.51 -6.84 53.57
CA ALA E 22 -4.94 -6.31 54.86
C ALA E 22 -5.54 -7.41 55.72
N GLN E 34 -11.78 -15.82 57.55
CA GLN E 34 -13.07 -15.15 57.68
C GLN E 34 -13.22 -14.02 56.66
N ILE E 35 -12.10 -13.43 56.26
CA ILE E 35 -12.11 -12.36 55.28
C ILE E 35 -12.29 -12.92 53.88
N TYR E 36 -11.28 -13.64 53.40
CA TYR E 36 -11.28 -14.24 52.07
C TYR E 36 -12.59 -14.98 51.77
N GLN E 37 -13.32 -15.31 52.83
CA GLN E 37 -14.60 -16.00 52.69
C GLN E 37 -15.62 -15.07 52.04
N GLU E 38 -16.10 -14.09 52.81
CA GLU E 38 -17.06 -13.13 52.32
C GLU E 38 -16.47 -12.25 51.22
N LEU E 39 -15.15 -12.35 51.04
CA LEU E 39 -14.46 -11.60 50.00
C LEU E 39 -14.76 -12.28 48.67
N THR E 40 -14.64 -13.61 48.64
CA THR E 40 -14.92 -14.38 47.43
C THR E 40 -16.43 -14.37 47.22
N ASP E 41 -17.18 -14.30 48.32
CA ASP E 41 -18.63 -14.25 48.25
C ASP E 41 -19.02 -13.01 47.44
N LEU E 42 -18.27 -11.93 47.65
CA LEU E 42 -18.49 -10.68 46.96
C LEU E 42 -18.03 -10.77 45.52
N LYS E 43 -16.79 -11.20 45.31
CA LYS E 43 -16.25 -11.33 43.96
C LYS E 43 -17.17 -12.16 43.08
N THR E 44 -17.80 -13.18 43.64
CA THR E 44 -18.70 -14.04 42.90
C THR E 44 -19.98 -13.30 42.51
N ALA E 45 -20.46 -12.45 43.41
CA ALA E 45 -21.67 -11.68 43.16
C ALA E 45 -21.44 -10.73 41.98
N PHE E 46 -20.24 -10.16 41.89
CA PHE E 46 -19.90 -9.24 40.81
C PHE E 46 -19.83 -9.98 39.48
N GLU E 47 -19.20 -11.15 39.50
CA GLU E 47 -19.05 -11.95 38.31
C GLU E 47 -20.38 -12.52 37.82
N ARG E 48 -21.36 -12.56 38.72
CA ARG E 48 -22.69 -13.06 38.37
C ARG E 48 -23.52 -11.91 37.80
N LEU E 49 -23.23 -10.71 38.26
CA LEU E 49 -23.97 -9.54 37.81
C LEU E 49 -23.42 -8.95 36.52
N CYS E 50 -22.12 -8.70 36.51
CA CYS E 50 -21.46 -8.09 35.37
C CYS E 50 -21.13 -9.06 34.24
N ARG E 51 -22.13 -9.38 33.44
CA ARG E 51 -21.94 -10.27 32.31
C ARG E 51 -22.88 -9.84 31.19
N HIS E 52 -23.11 -8.53 31.10
CA HIS E 52 -23.97 -7.97 30.08
C HIS E 52 -23.15 -7.51 28.88
N CYS E 53 -23.62 -7.84 27.69
CA CYS E 53 -22.92 -7.46 26.46
C CYS E 53 -23.81 -6.69 25.52
N PRO E 54 -23.22 -5.77 24.74
CA PRO E 54 -24.04 -5.01 23.80
C PRO E 54 -24.79 -6.00 22.93
N LYS E 55 -25.75 -5.55 22.15
CA LYS E 55 -26.49 -6.47 21.30
C LYS E 55 -25.63 -6.96 20.14
N ASP E 56 -25.69 -8.26 19.88
CA ASP E 56 -24.91 -8.92 18.82
C ASP E 56 -23.50 -9.29 19.23
N TRP E 57 -23.17 -9.12 20.51
CA TRP E 57 -21.84 -9.46 21.02
C TRP E 57 -21.93 -10.76 21.80
N THR E 58 -20.80 -11.49 21.83
CA THR E 58 -20.72 -12.77 22.52
C THR E 58 -19.93 -12.66 23.83
N PHE E 59 -20.53 -13.16 24.92
CA PHE E 59 -19.89 -13.13 26.23
C PHE E 59 -19.00 -14.35 26.43
N PHE E 60 -17.78 -14.13 26.92
CA PHE E 60 -16.87 -15.23 27.20
C PHE E 60 -15.90 -14.86 28.32
N GLN E 61 -15.98 -15.59 29.43
CA GLN E 61 -15.11 -15.37 30.57
C GLN E 61 -14.92 -13.92 31.01
N GLY E 62 -16.02 -13.17 31.09
CA GLY E 62 -15.93 -11.79 31.53
C GLY E 62 -15.79 -10.72 30.48
N ASN E 63 -15.56 -11.12 29.22
CA ASN E 63 -15.41 -10.15 28.16
C ASN E 63 -16.45 -10.36 27.06
N CYS E 64 -16.71 -9.30 26.30
CA CYS E 64 -17.67 -9.35 25.21
C CYS E 64 -16.90 -9.22 23.89
N TYR E 65 -17.25 -10.05 22.92
CA TYR E 65 -16.56 -10.04 21.63
C TYR E 65 -17.51 -9.78 20.49
N PHE E 66 -17.10 -8.93 19.56
CA PHE E 66 -17.89 -8.61 18.39
C PHE E 66 -17.21 -9.18 17.15
N MET E 67 -17.96 -9.93 16.35
CA MET E 67 -17.42 -10.48 15.11
C MET E 67 -18.12 -9.77 13.97
N SER E 68 -17.38 -8.93 13.26
CA SER E 68 -17.95 -8.19 12.14
C SER E 68 -18.50 -9.14 11.06
N ASN E 69 -19.40 -8.64 10.24
CA ASN E 69 -19.95 -9.43 9.16
C ASN E 69 -19.56 -8.80 7.83
N SER E 70 -18.61 -7.87 7.90
CA SER E 70 -18.09 -7.20 6.71
C SER E 70 -16.60 -7.00 6.96
N GLN E 71 -15.85 -6.63 5.93
CA GLN E 71 -14.40 -6.49 6.07
C GLN E 71 -13.80 -5.08 6.01
N ARG E 72 -12.58 -4.95 6.53
CA ARG E 72 -11.82 -3.71 6.56
C ARG E 72 -10.34 -4.07 6.65
N ASN E 73 -9.45 -3.12 6.38
CA ASN E 73 -8.05 -3.44 6.53
C ASN E 73 -7.73 -3.41 8.04
N TRP E 74 -6.51 -3.78 8.40
CA TRP E 74 -6.15 -3.83 9.80
C TRP E 74 -6.28 -2.49 10.51
N HIS E 75 -5.65 -1.46 9.94
CA HIS E 75 -5.70 -0.14 10.55
C HIS E 75 -7.11 0.37 10.79
N ASP E 76 -8.01 0.16 9.83
CA ASP E 76 -9.39 0.63 9.96
C ASP E 76 -10.16 -0.22 10.96
N SER E 77 -9.71 -1.45 11.18
CA SER E 77 -10.36 -2.34 12.13
C SER E 77 -9.99 -1.87 13.53
N VAL E 78 -8.75 -1.42 13.70
CA VAL E 78 -8.31 -0.91 15.01
C VAL E 78 -9.22 0.28 15.34
N THR E 79 -9.44 1.14 14.33
CA THR E 79 -10.27 2.32 14.51
C THR E 79 -11.71 1.92 14.77
N ALA E 80 -12.21 0.94 14.03
CA ALA E 80 -13.59 0.49 14.22
C ALA E 80 -13.87 0.06 15.66
N CYS E 81 -12.96 -0.72 16.25
CA CYS E 81 -13.16 -1.18 17.62
C CYS E 81 -13.08 -0.06 18.66
N GLN E 82 -12.26 0.96 18.40
CA GLN E 82 -12.15 2.08 19.34
C GLN E 82 -13.43 2.92 19.30
N GLU E 83 -14.05 3.01 18.13
CA GLU E 83 -15.28 3.77 17.94
C GLU E 83 -16.41 3.21 18.80
N VAL E 84 -16.27 1.95 19.21
CA VAL E 84 -17.30 1.32 20.03
C VAL E 84 -16.75 1.00 21.42
N ARG E 85 -15.79 1.81 21.86
CA ARG E 85 -15.19 1.64 23.19
C ARG E 85 -14.62 0.25 23.41
N ALA E 86 -14.00 -0.32 22.38
CA ALA E 86 -13.42 -1.65 22.45
C ALA E 86 -12.01 -1.67 21.86
N GLN E 87 -11.48 -2.86 21.63
CA GLN E 87 -10.14 -2.99 21.11
C GLN E 87 -9.99 -4.21 20.19
N LEU E 88 -9.22 -4.08 19.11
CA LEU E 88 -9.00 -5.21 18.21
C LEU E 88 -8.46 -6.29 19.16
N VAL E 89 -9.19 -7.40 19.26
CA VAL E 89 -8.85 -8.45 20.20
C VAL E 89 -7.37 -8.75 20.49
N VAL E 90 -7.03 -8.64 21.77
CA VAL E 90 -5.71 -8.91 22.30
C VAL E 90 -5.92 -10.21 23.09
N ILE E 91 -5.33 -11.31 22.64
CA ILE E 91 -5.51 -12.59 23.32
C ILE E 91 -4.57 -12.71 24.52
N LYS E 92 -5.13 -13.01 25.69
CA LYS E 92 -4.35 -13.13 26.91
C LYS E 92 -4.11 -14.55 27.42
N THR E 93 -5.01 -15.48 27.09
CA THR E 93 -4.87 -16.86 27.56
C THR E 93 -5.11 -17.86 26.46
N ALA E 94 -4.66 -19.10 26.68
CA ALA E 94 -4.84 -20.17 25.72
C ALA E 94 -6.32 -20.44 25.54
N GLU E 95 -7.10 -20.34 26.62
CA GLU E 95 -8.53 -20.59 26.53
C GLU E 95 -9.20 -19.55 25.63
N GLU E 96 -8.74 -18.31 25.71
CA GLU E 96 -9.28 -17.25 24.88
C GLU E 96 -8.93 -17.55 23.42
N GLN E 97 -7.68 -17.95 23.18
CA GLN E 97 -7.24 -18.30 21.83
C GLN E 97 -8.13 -19.39 21.23
N ASN E 98 -8.35 -20.47 21.97
CA ASN E 98 -9.16 -21.58 21.49
C ASN E 98 -10.60 -21.18 21.17
N PHE E 99 -11.18 -20.37 22.05
CA PHE E 99 -12.55 -19.90 21.85
C PHE E 99 -12.59 -19.10 20.55
N LEU E 100 -11.63 -18.20 20.38
CA LEU E 100 -11.58 -17.36 19.18
C LEU E 100 -11.28 -18.17 17.90
N GLN E 101 -10.32 -19.08 17.97
CA GLN E 101 -9.97 -19.88 16.81
C GLN E 101 -11.18 -20.70 16.37
N LEU E 102 -11.98 -21.11 17.34
CA LEU E 102 -13.17 -21.90 17.08
C LEU E 102 -14.25 -21.07 16.41
N GLN E 103 -14.43 -19.84 16.85
CA GLN E 103 -15.44 -18.96 16.27
C GLN E 103 -15.12 -18.61 14.81
N THR E 104 -13.84 -18.32 14.54
CA THR E 104 -13.42 -17.95 13.19
C THR E 104 -13.36 -19.18 12.29
N SER E 105 -13.23 -20.34 12.91
CA SER E 105 -13.17 -21.59 12.17
C SER E 105 -14.56 -22.04 11.71
N ARG E 106 -15.55 -21.89 12.58
CA ARG E 106 -16.94 -22.27 12.26
C ARG E 106 -17.50 -21.44 11.11
N SER E 107 -17.15 -20.16 11.07
CA SER E 107 -17.64 -19.28 10.01
C SER E 107 -16.63 -19.18 8.88
N ASN E 108 -15.47 -19.80 9.09
CA ASN E 108 -14.36 -19.79 8.13
C ASN E 108 -14.04 -18.38 7.65
N ARG E 109 -13.87 -17.48 8.60
CA ARG E 109 -13.57 -16.08 8.29
C ARG E 109 -12.15 -15.67 8.66
N PHE E 110 -11.39 -15.16 7.70
CA PHE E 110 -10.05 -14.68 8.00
C PHE E 110 -10.33 -13.41 8.81
N SER E 111 -9.88 -13.39 10.05
CA SER E 111 -10.16 -12.26 10.91
C SER E 111 -8.94 -11.66 11.58
N TRP E 112 -8.92 -10.33 11.60
CA TRP E 112 -7.85 -9.56 12.21
C TRP E 112 -7.87 -9.67 13.73
N MET E 113 -6.69 -9.78 14.33
CA MET E 113 -6.59 -9.77 15.79
C MET E 113 -5.68 -8.56 16.01
N GLY E 114 -5.68 -8.01 17.22
CA GLY E 114 -4.85 -6.83 17.50
C GLY E 114 -3.39 -7.13 17.74
N LEU E 115 -2.74 -7.70 16.75
CA LEU E 115 -1.32 -8.06 16.85
C LEU E 115 -0.59 -7.71 15.55
N SER E 116 0.61 -7.14 15.67
CA SER E 116 1.37 -6.80 14.47
C SER E 116 2.84 -6.61 14.77
N ASP E 117 3.65 -6.57 13.71
CA ASP E 117 5.08 -6.30 13.85
C ASP E 117 5.33 -5.07 12.97
N LEU E 118 4.39 -4.14 12.98
CA LEU E 118 4.46 -2.91 12.19
C LEU E 118 5.59 -1.96 12.61
N ASN E 119 5.84 -1.85 13.91
CA ASN E 119 6.87 -0.96 14.42
C ASN E 119 8.28 -1.46 14.13
N GLN E 120 8.52 -2.76 14.30
CA GLN E 120 9.83 -3.33 14.05
C GLN E 120 9.67 -4.75 13.52
N GLU E 121 9.99 -4.93 12.23
CA GLU E 121 9.87 -6.23 11.58
C GLU E 121 10.36 -7.37 12.47
N GLY E 122 9.52 -8.38 12.64
CA GLY E 122 9.89 -9.53 13.46
C GLY E 122 9.55 -9.40 14.93
N THR E 123 9.29 -8.18 15.38
CA THR E 123 8.95 -7.95 16.77
C THR E 123 7.45 -7.75 16.91
N TRP E 124 6.76 -8.83 17.26
CA TRP E 124 5.32 -8.81 17.41
C TRP E 124 4.82 -8.23 18.72
N GLN E 125 3.92 -7.26 18.59
CA GLN E 125 3.34 -6.57 19.74
C GLN E 125 1.82 -6.51 19.60
N TRP E 126 1.13 -6.62 20.73
CA TRP E 126 -0.33 -6.52 20.72
C TRP E 126 -0.63 -5.02 20.69
N VAL E 127 -1.84 -4.65 20.28
CA VAL E 127 -2.15 -3.23 20.22
C VAL E 127 -2.15 -2.56 21.59
N ASP E 128 -2.21 -3.33 22.67
CA ASP E 128 -2.19 -2.71 23.99
C ASP E 128 -0.76 -2.49 24.49
N GLY E 129 0.22 -2.78 23.64
CA GLY E 129 1.61 -2.58 24.03
C GLY E 129 2.42 -3.81 24.44
N SER E 130 1.75 -4.87 24.89
CA SER E 130 2.45 -6.07 25.33
C SER E 130 3.07 -6.85 24.18
N PRO E 131 4.20 -7.54 24.44
CA PRO E 131 4.91 -8.33 23.45
C PRO E 131 4.30 -9.73 23.30
N LEU E 132 4.48 -10.34 22.14
CA LEU E 132 3.97 -11.67 21.92
C LEU E 132 4.89 -12.62 22.68
N SER E 133 4.36 -13.31 23.69
CA SER E 133 5.19 -14.21 24.47
C SER E 133 5.43 -15.54 23.76
N PRO E 134 6.56 -16.21 24.07
CA PRO E 134 6.93 -17.50 23.47
C PRO E 134 5.83 -18.56 23.56
N SER E 135 5.04 -18.52 24.62
CA SER E 135 3.97 -19.50 24.77
C SER E 135 2.88 -19.41 23.68
N PHE E 136 2.90 -18.34 22.89
CA PHE E 136 1.90 -18.18 21.83
C PHE E 136 2.42 -18.54 20.44
N GLN E 137 3.73 -18.68 20.30
CA GLN E 137 4.34 -19.02 19.02
C GLN E 137 3.71 -20.25 18.37
N ARG E 138 3.28 -21.19 19.21
CA ARG E 138 2.67 -22.42 18.74
C ARG E 138 1.43 -22.20 17.91
N TYR E 139 0.81 -21.04 18.01
CA TYR E 139 -0.42 -20.79 17.25
C TYR E 139 -0.20 -20.41 15.80
N TRP E 140 1.01 -19.96 15.46
CA TRP E 140 1.28 -19.60 14.07
C TRP E 140 1.09 -20.85 13.19
N ASN E 141 0.53 -20.67 12.00
CA ASN E 141 0.39 -21.79 11.07
C ASN E 141 1.80 -22.21 10.63
N SER E 142 1.94 -23.46 10.21
CA SER E 142 3.21 -23.97 9.74
C SER E 142 3.76 -23.03 8.65
N GLY E 143 5.02 -22.62 8.78
CA GLY E 143 5.61 -21.74 7.78
C GLY E 143 5.39 -20.24 8.01
N GLU E 144 4.61 -19.89 9.02
CA GLU E 144 4.34 -18.49 9.34
C GLU E 144 5.03 -18.08 10.65
N PRO E 145 5.26 -16.77 10.84
CA PRO E 145 4.92 -15.73 9.87
C PRO E 145 6.00 -15.72 8.80
N ASN E 146 5.61 -15.51 7.55
CA ASN E 146 6.60 -15.52 6.49
C ASN E 146 6.87 -14.16 5.86
N ASN E 147 6.23 -13.12 6.39
CA ASN E 147 6.39 -11.73 5.92
C ASN E 147 6.44 -11.65 4.39
N SER E 148 5.67 -12.52 3.73
CA SER E 148 5.66 -12.58 2.28
C SER E 148 5.07 -11.35 1.62
N GLY E 149 5.94 -10.48 1.11
CA GLY E 149 5.47 -9.26 0.50
C GLY E 149 5.28 -8.19 1.57
N ASN E 150 6.00 -8.37 2.67
CA ASN E 150 5.94 -7.46 3.82
C ASN E 150 4.57 -7.51 4.48
N GLU E 151 4.37 -8.51 5.33
CA GLU E 151 3.10 -8.71 6.03
C GLU E 151 3.30 -8.45 7.52
N ASP E 152 2.59 -7.45 8.04
CA ASP E 152 2.77 -7.09 9.43
C ASP E 152 1.57 -7.21 10.34
N CYS E 153 0.50 -7.85 9.87
CA CYS E 153 -0.69 -7.96 10.70
C CYS E 153 -1.17 -9.40 10.83
N ALA E 154 -1.48 -9.80 12.07
CA ALA E 154 -1.92 -11.16 12.34
C ALA E 154 -3.42 -11.37 12.07
N GLU E 155 -3.75 -12.54 11.55
CA GLU E 155 -5.13 -12.87 11.25
C GLU E 155 -5.38 -14.34 11.62
N PHE E 156 -6.62 -14.68 11.96
CA PHE E 156 -6.94 -16.07 12.24
C PHE E 156 -7.08 -16.63 10.84
N SER E 157 -6.37 -17.72 10.58
CA SER E 157 -6.38 -18.32 9.26
C SER E 157 -6.35 -19.84 9.41
N GLY E 158 -7.43 -20.48 8.99
CA GLY E 158 -7.49 -21.92 9.10
C GLY E 158 -7.46 -22.32 10.55
N SER E 159 -6.55 -23.22 10.91
CA SER E 159 -6.45 -23.69 12.28
C SER E 159 -5.54 -22.86 13.17
N GLY E 160 -4.88 -21.85 12.61
CA GLY E 160 -3.99 -21.02 13.41
C GLY E 160 -3.87 -19.59 12.93
N TRP E 161 -2.71 -18.99 13.15
CA TRP E 161 -2.46 -17.60 12.76
C TRP E 161 -1.61 -17.44 11.52
N ASN E 162 -1.78 -16.32 10.85
CA ASN E 162 -1.01 -16.01 9.66
C ASN E 162 -0.76 -14.52 9.62
N ASP E 163 0.41 -14.11 9.13
CA ASP E 163 0.69 -12.70 8.99
C ASP E 163 0.27 -12.32 7.57
N ASN E 164 -0.46 -11.22 7.44
CA ASN E 164 -0.96 -10.79 6.13
C ASN E 164 -0.71 -9.30 5.94
N ARG E 165 -0.76 -8.85 4.70
CA ARG E 165 -0.58 -7.43 4.39
C ARG E 165 -1.68 -6.63 5.10
N CYS E 166 -1.29 -5.53 5.73
CA CYS E 166 -2.24 -4.70 6.46
C CYS E 166 -3.39 -4.13 5.64
N ASP E 167 -3.18 -3.97 4.33
CA ASP E 167 -4.19 -3.38 3.46
C ASP E 167 -5.28 -4.36 2.99
N VAL E 168 -5.13 -5.63 3.33
CA VAL E 168 -6.12 -6.63 2.94
C VAL E 168 -7.42 -6.45 3.72
N ASP E 169 -8.55 -6.77 3.11
CA ASP E 169 -9.82 -6.68 3.79
C ASP E 169 -10.12 -8.01 4.49
N ASN E 170 -10.18 -7.99 5.82
CA ASN E 170 -10.50 -9.19 6.59
C ASN E 170 -11.64 -8.81 7.51
N TYR E 171 -12.25 -9.80 8.13
CA TYR E 171 -13.28 -9.55 9.12
C TYR E 171 -12.45 -9.16 10.35
N TRP E 172 -13.09 -8.68 11.41
CA TRP E 172 -12.32 -8.32 12.60
C TRP E 172 -13.07 -8.65 13.88
N ILE E 173 -12.34 -8.72 14.98
CA ILE E 173 -12.95 -9.08 16.26
C ILE E 173 -12.62 -8.05 17.33
N CYS E 174 -13.65 -7.45 17.92
CA CYS E 174 -13.45 -6.47 18.98
C CYS E 174 -13.66 -7.15 20.33
N LYS E 175 -12.99 -6.62 21.35
CA LYS E 175 -13.09 -7.16 22.69
C LYS E 175 -13.15 -6.02 23.70
N LYS E 176 -14.02 -6.19 24.70
CA LYS E 176 -14.15 -5.22 25.78
C LYS E 176 -14.80 -5.91 26.96
N PRO E 177 -14.46 -5.49 28.18
CA PRO E 177 -15.01 -6.07 29.40
C PRO E 177 -16.52 -6.04 29.42
N ALA E 178 -17.14 -7.06 30.00
CA ALA E 178 -18.60 -7.13 30.11
C ALA E 178 -19.06 -6.01 31.06
N ALA E 179 -20.33 -5.63 30.95
CA ALA E 179 -20.88 -4.57 31.79
C ALA E 179 -21.77 -5.13 32.90
N CYS E 180 -21.97 -4.35 33.95
CA CYS E 180 -22.81 -4.77 35.07
C CYS E 180 -24.27 -4.41 34.87
N PHE E 181 -24.58 -3.69 33.79
CA PHE E 181 -25.96 -3.29 33.51
C PHE E 181 -26.31 -3.32 32.03
N ARG E 182 -27.53 -3.77 31.72
CA ARG E 182 -28.01 -3.85 30.35
C ARG E 182 -28.16 -2.45 29.76
N PRO F 4 -17.16 30.38 4.03
CA PRO F 4 -17.67 28.99 3.94
C PRO F 4 -18.60 28.83 2.74
N GLU F 5 -18.61 27.63 2.15
CA GLU F 5 -19.45 27.37 1.00
C GLU F 5 -20.94 27.37 1.35
N LYS F 6 -21.28 26.76 2.48
CA LYS F 6 -22.67 26.72 2.93
C LYS F 6 -23.17 28.10 3.28
N SER F 7 -22.26 29.07 3.31
CA SER F 7 -22.59 30.45 3.65
C SER F 7 -22.52 31.36 2.43
N LYS F 8 -22.45 30.78 1.24
CA LYS F 8 -22.37 31.57 0.02
C LYS F 8 -23.56 31.39 -0.92
N LEU F 9 -23.26 31.06 -2.16
CA LEU F 9 -24.27 30.88 -3.20
C LEU F 9 -25.39 29.94 -2.75
N GLN F 10 -25.04 28.89 -2.02
CA GLN F 10 -26.03 27.93 -1.55
C GLN F 10 -27.05 28.57 -0.62
N GLU F 11 -26.59 29.45 0.26
CA GLU F 11 -27.46 30.14 1.20
C GLU F 11 -28.50 30.98 0.47
N ILE F 12 -28.11 31.56 -0.65
CA ILE F 12 -29.03 32.37 -1.44
C ILE F 12 -30.15 31.49 -1.99
N TYR F 13 -29.77 30.35 -2.56
CA TYR F 13 -30.75 29.42 -3.10
C TYR F 13 -31.61 28.86 -1.99
N GLN F 14 -31.01 28.64 -0.82
CA GLN F 14 -31.76 28.12 0.32
C GLN F 14 -32.85 29.09 0.73
N GLU F 15 -32.55 30.39 0.70
CA GLU F 15 -33.52 31.41 1.09
C GLU F 15 -34.63 31.60 0.05
N LEU F 16 -34.35 31.29 -1.21
CA LEU F 16 -35.37 31.40 -2.23
C LEU F 16 -36.38 30.29 -1.92
N THR F 17 -35.84 29.13 -1.53
CA THR F 17 -36.67 27.98 -1.19
C THR F 17 -37.64 28.30 -0.06
N GLN F 18 -37.13 28.95 0.99
CA GLN F 18 -37.94 29.30 2.15
C GLN F 18 -38.93 30.43 1.86
N LEU F 19 -38.55 31.33 0.95
CA LEU F 19 -39.42 32.45 0.60
C LEU F 19 -40.53 31.91 -0.29
N LYS F 20 -40.17 30.93 -1.13
CA LYS F 20 -41.12 30.30 -2.04
C LYS F 20 -42.24 29.65 -1.21
N ALA F 21 -41.86 29.02 -0.10
CA ALA F 21 -42.82 28.36 0.77
C ALA F 21 -43.33 29.31 1.85
N ALA F 22 -44.05 30.36 1.43
CA ALA F 22 -44.59 31.33 2.36
C ALA F 22 -45.48 32.34 1.63
N GLN F 34 -48.53 33.73 -9.94
CA GLN F 34 -48.41 35.18 -9.85
C GLN F 34 -46.99 35.62 -9.53
N ILE F 35 -46.66 35.62 -8.24
CA ILE F 35 -45.35 36.02 -7.75
C ILE F 35 -44.23 35.14 -8.30
N TYR F 36 -44.50 33.85 -8.42
CA TYR F 36 -43.53 32.90 -8.93
C TYR F 36 -42.74 33.42 -10.12
N GLN F 37 -43.40 34.18 -11.00
CA GLN F 37 -42.71 34.72 -12.17
C GLN F 37 -41.61 35.67 -11.71
N GLU F 38 -41.93 36.58 -10.80
CA GLU F 38 -40.95 37.53 -10.29
C GLU F 38 -39.94 36.84 -9.37
N LEU F 39 -40.27 35.62 -8.97
CA LEU F 39 -39.39 34.85 -8.10
C LEU F 39 -38.48 34.04 -9.01
N THR F 40 -38.76 34.09 -10.31
CA THR F 40 -37.97 33.39 -11.32
C THR F 40 -37.07 34.42 -12.00
N ASP F 41 -37.56 35.64 -12.09
CA ASP F 41 -36.81 36.74 -12.68
C ASP F 41 -35.59 36.99 -11.79
N LEU F 42 -35.75 36.65 -10.51
CA LEU F 42 -34.69 36.82 -9.53
C LEU F 42 -33.69 35.68 -9.64
N LYS F 43 -34.19 34.44 -9.64
CA LYS F 43 -33.33 33.27 -9.73
C LYS F 43 -32.47 33.27 -11.00
N THR F 44 -33.06 33.71 -12.11
CA THR F 44 -32.34 33.75 -13.38
C THR F 44 -31.29 34.86 -13.35
N ALA F 45 -31.58 35.94 -12.65
CA ALA F 45 -30.66 37.06 -12.52
C ALA F 45 -29.40 36.64 -11.76
N PHE F 46 -29.58 35.85 -10.71
CA PHE F 46 -28.45 35.37 -9.92
C PHE F 46 -27.58 34.48 -10.80
N GLU F 47 -28.23 33.60 -11.56
CA GLU F 47 -27.52 32.68 -12.43
C GLU F 47 -26.73 33.38 -13.53
N ARG F 48 -27.18 34.56 -13.94
CA ARG F 48 -26.47 35.32 -14.98
C ARG F 48 -25.19 35.91 -14.43
N LEU F 49 -25.26 36.40 -13.20
CA LEU F 49 -24.13 37.03 -12.55
C LEU F 49 -23.11 36.06 -11.94
N CYS F 50 -23.61 35.10 -11.15
CA CYS F 50 -22.76 34.15 -10.47
C CYS F 50 -22.26 32.99 -11.32
N ARG F 51 -21.36 33.29 -12.25
CA ARG F 51 -20.81 32.24 -13.09
C ARG F 51 -19.31 32.46 -13.31
N HIS F 52 -18.66 33.06 -12.32
CA HIS F 52 -17.22 33.30 -12.37
C HIS F 52 -16.44 32.10 -11.84
N CYS F 53 -15.28 31.87 -12.43
CA CYS F 53 -14.44 30.75 -12.01
C CYS F 53 -12.98 31.17 -11.96
N PRO F 54 -12.18 30.50 -11.13
CA PRO F 54 -10.75 30.82 -11.02
C PRO F 54 -10.10 30.59 -12.37
N LYS F 55 -8.95 31.22 -12.59
CA LYS F 55 -8.25 31.05 -13.85
C LYS F 55 -7.90 29.58 -14.05
N ASP F 56 -8.16 29.07 -15.26
CA ASP F 56 -7.89 27.68 -15.64
C ASP F 56 -9.02 26.72 -15.29
N TRP F 57 -10.04 27.21 -14.60
CA TRP F 57 -11.17 26.37 -14.24
C TRP F 57 -12.24 26.49 -15.32
N THR F 58 -12.98 25.41 -15.53
CA THR F 58 -14.02 25.37 -16.53
C THR F 58 -15.40 25.53 -15.89
N PHE F 59 -16.20 26.45 -16.43
CA PHE F 59 -17.53 26.67 -15.88
C PHE F 59 -18.52 25.71 -16.53
N PHE F 60 -19.42 25.15 -15.74
CA PHE F 60 -20.45 24.23 -16.23
C PHE F 60 -21.62 24.17 -15.27
N GLN F 61 -22.80 24.55 -15.76
CA GLN F 61 -24.02 24.55 -14.98
C GLN F 61 -23.94 24.99 -13.52
N GLY F 62 -23.39 26.17 -13.29
CA GLY F 62 -23.30 26.69 -11.94
C GLY F 62 -22.12 26.26 -11.09
N ASN F 63 -21.29 25.35 -11.59
CA ASN F 63 -20.14 24.89 -10.83
C ASN F 63 -18.86 25.08 -11.63
N CYS F 64 -17.74 25.17 -10.94
CA CYS F 64 -16.45 25.32 -11.59
C CYS F 64 -15.66 24.03 -11.41
N TYR F 65 -14.96 23.62 -12.46
CA TYR F 65 -14.19 22.40 -12.41
C TYR F 65 -12.73 22.59 -12.75
N PHE F 66 -11.87 21.95 -11.97
CA PHE F 66 -10.43 22.03 -12.20
C PHE F 66 -9.94 20.68 -12.64
N MET F 67 -9.17 20.68 -13.73
CA MET F 67 -8.59 19.46 -14.28
C MET F 67 -7.08 19.54 -14.15
N SER F 68 -6.51 18.79 -13.22
CA SER F 68 -5.06 18.82 -13.01
C SER F 68 -4.31 18.30 -14.23
N ASN F 69 -3.05 18.72 -14.36
CA ASN F 69 -2.22 18.25 -15.48
C ASN F 69 -1.05 17.46 -14.94
N SER F 70 -1.17 16.97 -13.72
CA SER F 70 -0.16 16.13 -13.09
C SER F 70 -0.96 15.13 -12.27
N GLN F 71 -0.30 14.08 -11.79
CA GLN F 71 -0.99 13.02 -11.05
C GLN F 71 -0.74 12.92 -9.54
N ARG F 72 -1.70 12.34 -8.83
CA ARG F 72 -1.64 12.11 -7.38
C ARG F 72 -2.48 10.88 -7.05
N ASN F 73 -2.22 10.25 -5.90
CA ASN F 73 -3.04 9.11 -5.51
C ASN F 73 -4.39 9.69 -5.06
N TRP F 74 -5.35 8.82 -4.76
CA TRP F 74 -6.68 9.28 -4.38
C TRP F 74 -6.75 10.22 -3.18
N HIS F 75 -6.26 9.74 -2.03
CA HIS F 75 -6.27 10.51 -0.79
C HIS F 75 -5.62 11.87 -0.94
N ASP F 76 -4.49 11.94 -1.66
CA ASP F 76 -3.84 13.21 -1.83
C ASP F 76 -4.65 14.13 -2.75
N SER F 77 -5.44 13.54 -3.65
CA SER F 77 -6.27 14.34 -4.56
C SER F 77 -7.43 14.91 -3.76
N VAL F 78 -7.92 14.13 -2.81
CA VAL F 78 -9.01 14.61 -1.97
C VAL F 78 -8.48 15.86 -1.29
N THR F 79 -7.29 15.73 -0.71
CA THR F 79 -6.62 16.81 0.00
C THR F 79 -6.34 17.99 -0.92
N ALA F 80 -5.79 17.70 -2.10
CA ALA F 80 -5.47 18.74 -3.06
C ALA F 80 -6.69 19.61 -3.34
N CYS F 81 -7.86 19.00 -3.50
CA CYS F 81 -9.06 19.79 -3.76
C CYS F 81 -9.49 20.64 -2.56
N GLN F 82 -9.35 20.09 -1.35
CA GLN F 82 -9.74 20.83 -0.15
C GLN F 82 -8.87 22.06 0.03
N GLU F 83 -7.61 21.98 -0.40
CA GLU F 83 -6.69 23.11 -0.26
C GLU F 83 -7.06 24.33 -1.11
N VAL F 84 -7.94 24.14 -2.10
CA VAL F 84 -8.38 25.25 -2.93
C VAL F 84 -9.87 25.42 -2.70
N ARG F 85 -10.30 25.09 -1.50
CA ARG F 85 -11.70 25.19 -1.10
C ARG F 85 -12.66 24.57 -2.10
N ALA F 86 -12.27 23.40 -2.59
CA ALA F 86 -13.07 22.65 -3.56
C ALA F 86 -13.23 21.23 -3.04
N GLN F 87 -13.73 20.34 -3.88
CA GLN F 87 -13.94 18.95 -3.47
C GLN F 87 -13.76 17.98 -4.62
N LEU F 88 -13.07 16.87 -4.40
CA LEU F 88 -12.90 15.89 -5.49
C LEU F 88 -14.32 15.72 -6.03
N VAL F 89 -14.47 15.92 -7.34
CA VAL F 89 -15.77 15.88 -7.98
C VAL F 89 -16.78 14.81 -7.57
N VAL F 90 -17.92 15.28 -7.05
CA VAL F 90 -19.05 14.44 -6.65
C VAL F 90 -20.09 14.68 -7.76
N ILE F 91 -20.38 13.64 -8.54
CA ILE F 91 -21.31 13.77 -9.65
C ILE F 91 -22.76 13.63 -9.22
N LYS F 92 -23.57 14.65 -9.54
CA LYS F 92 -24.97 14.69 -9.13
C LYS F 92 -26.00 14.41 -10.23
N THR F 93 -25.66 14.68 -11.48
CA THR F 93 -26.62 14.46 -12.55
C THR F 93 -25.99 13.81 -13.78
N ALA F 94 -26.82 13.24 -14.63
CA ALA F 94 -26.35 12.59 -15.84
C ALA F 94 -25.64 13.61 -16.72
N GLU F 95 -26.22 14.82 -16.82
CA GLU F 95 -25.60 15.86 -17.66
C GLU F 95 -24.18 16.08 -17.22
N GLU F 96 -23.99 16.20 -15.91
CA GLU F 96 -22.67 16.42 -15.33
C GLU F 96 -21.75 15.24 -15.68
N GLN F 97 -22.26 14.02 -15.51
CA GLN F 97 -21.50 12.82 -15.84
C GLN F 97 -21.02 12.90 -17.28
N ASN F 98 -21.94 13.21 -18.20
CA ASN F 98 -21.58 13.30 -19.61
C ASN F 98 -20.48 14.34 -19.84
N PHE F 99 -20.66 15.51 -19.25
CA PHE F 99 -19.67 16.59 -19.38
C PHE F 99 -18.28 16.11 -18.96
N LEU F 100 -18.17 15.56 -17.75
CA LEU F 100 -16.89 15.07 -17.25
C LEU F 100 -16.30 13.95 -18.09
N GLN F 101 -17.12 12.97 -18.45
CA GLN F 101 -16.66 11.85 -19.26
C GLN F 101 -16.09 12.37 -20.59
N LEU F 102 -16.71 13.42 -21.14
CA LEU F 102 -16.23 13.99 -22.39
C LEU F 102 -14.87 14.69 -22.19
N GLN F 103 -14.71 15.38 -21.08
CA GLN F 103 -13.46 16.07 -20.79
C GLN F 103 -12.30 15.10 -20.62
N THR F 104 -12.52 14.05 -19.82
CA THR F 104 -11.47 13.07 -19.55
C THR F 104 -11.18 12.23 -20.79
N SER F 105 -12.19 12.09 -21.64
CA SER F 105 -12.06 11.30 -22.86
C SER F 105 -11.20 12.05 -23.90
N ARG F 106 -11.44 13.35 -24.02
CA ARG F 106 -10.70 14.17 -24.98
C ARG F 106 -9.23 14.33 -24.60
N SER F 107 -8.92 14.30 -23.31
CA SER F 107 -7.53 14.44 -22.89
C SER F 107 -6.81 13.12 -22.61
N ASN F 108 -7.57 12.01 -22.60
CA ASN F 108 -6.99 10.69 -22.33
C ASN F 108 -6.38 10.61 -20.94
N ARG F 109 -7.02 11.28 -19.98
CA ARG F 109 -6.54 11.28 -18.62
C ARG F 109 -7.34 10.38 -17.68
N PHE F 110 -6.72 9.31 -17.17
CA PHE F 110 -7.42 8.49 -16.20
C PHE F 110 -7.56 9.46 -15.03
N SER F 111 -8.80 9.76 -14.65
CA SER F 111 -9.01 10.77 -13.60
C SER F 111 -9.87 10.37 -12.43
N TRP F 112 -9.36 10.67 -11.23
CA TRP F 112 -10.06 10.38 -9.98
C TRP F 112 -11.31 11.23 -9.82
N MET F 113 -12.35 10.64 -9.24
CA MET F 113 -13.57 11.36 -8.90
C MET F 113 -13.74 11.08 -7.41
N GLY F 114 -14.57 11.87 -6.72
CA GLY F 114 -14.74 11.67 -5.29
C GLY F 114 -15.67 10.53 -4.91
N LEU F 115 -15.33 9.32 -5.33
CA LEU F 115 -16.16 8.14 -5.06
C LEU F 115 -15.30 6.94 -4.64
N SER F 116 -15.73 6.24 -3.59
CA SER F 116 -14.96 5.09 -3.12
C SER F 116 -15.79 4.15 -2.26
N ASP F 117 -15.26 2.94 -2.08
CA ASP F 117 -15.88 1.95 -1.22
C ASP F 117 -14.80 1.59 -0.20
N LEU F 118 -14.09 2.63 0.23
CA LEU F 118 -13.00 2.49 1.20
C LEU F 118 -13.49 2.08 2.59
N ASN F 119 -14.62 2.65 3.02
CA ASN F 119 -15.12 2.34 4.35
C ASN F 119 -15.65 0.91 4.47
N GLN F 120 -16.42 0.47 3.47
CA GLN F 120 -16.98 -0.88 3.47
C GLN F 120 -16.98 -1.44 2.03
N GLU F 121 -16.21 -2.50 1.81
CA GLU F 121 -16.10 -3.10 0.48
C GLU F 121 -17.47 -3.32 -0.16
N GLY F 122 -17.60 -2.88 -1.41
CA GLY F 122 -18.87 -3.04 -2.11
C GLY F 122 -19.84 -1.88 -1.90
N THR F 123 -19.68 -1.14 -0.81
CA THR F 123 -20.56 -0.01 -0.54
C THR F 123 -19.93 1.30 -1.03
N TRP F 124 -20.38 1.77 -2.17
CA TRP F 124 -19.83 2.98 -2.75
C TRP F 124 -20.44 4.28 -2.25
N GLN F 125 -19.58 5.16 -1.78
CA GLN F 125 -19.99 6.45 -1.24
C GLN F 125 -19.19 7.58 -1.84
N TRP F 126 -19.87 8.70 -2.12
CA TRP F 126 -19.20 9.88 -2.63
C TRP F 126 -18.53 10.50 -1.41
N VAL F 127 -17.43 11.23 -1.61
CA VAL F 127 -16.75 11.83 -0.48
C VAL F 127 -17.60 12.81 0.32
N ASP F 128 -18.77 13.19 -0.19
CA ASP F 128 -19.59 14.12 0.57
C ASP F 128 -20.57 13.36 1.47
N GLY F 129 -20.39 12.05 1.56
CA GLY F 129 -21.27 11.25 2.41
C GLY F 129 -22.43 10.55 1.73
N SER F 130 -22.88 11.06 0.58
CA SER F 130 -24.01 10.43 -0.12
C SER F 130 -23.64 9.10 -0.76
N PRO F 131 -24.62 8.20 -0.89
CA PRO F 131 -24.37 6.90 -1.48
C PRO F 131 -24.49 6.93 -3.01
N LEU F 132 -23.83 5.98 -3.67
CA LEU F 132 -23.89 5.88 -5.12
C LEU F 132 -25.25 5.32 -5.50
N SER F 133 -26.14 6.16 -6.02
CA SER F 133 -27.47 5.66 -6.37
C SER F 133 -27.40 4.69 -7.54
N PRO F 134 -28.34 3.72 -7.57
CA PRO F 134 -28.45 2.69 -8.61
C PRO F 134 -28.47 3.23 -10.04
N SER F 135 -29.05 4.41 -10.25
CA SER F 135 -29.14 4.99 -11.59
C SER F 135 -27.77 5.37 -12.15
N PHE F 136 -26.75 5.32 -11.31
CA PHE F 136 -25.39 5.64 -11.73
C PHE F 136 -24.61 4.36 -12.10
N GLN F 137 -25.13 3.21 -11.67
CA GLN F 137 -24.47 1.93 -11.95
C GLN F 137 -24.14 1.73 -13.42
N ARG F 138 -24.93 2.36 -14.29
CA ARG F 138 -24.73 2.21 -15.72
C ARG F 138 -23.42 2.82 -16.21
N TYR F 139 -22.78 3.65 -15.42
CA TYR F 139 -21.53 4.25 -15.87
C TYR F 139 -20.29 3.38 -15.68
N TRP F 140 -20.40 2.35 -14.84
CA TRP F 140 -19.27 1.46 -14.64
C TRP F 140 -18.92 0.79 -15.96
N ASN F 141 -17.64 0.68 -16.27
CA ASN F 141 -17.25 -0.01 -17.50
C ASN F 141 -17.68 -1.48 -17.33
N SER F 142 -17.88 -2.16 -18.45
CA SER F 142 -18.28 -3.55 -18.43
C SER F 142 -17.29 -4.40 -17.65
N GLY F 143 -17.78 -5.11 -16.63
CA GLY F 143 -16.92 -5.97 -15.83
C GLY F 143 -16.38 -5.28 -14.58
N GLU F 144 -16.81 -4.04 -14.37
CA GLU F 144 -16.39 -3.25 -13.21
C GLU F 144 -17.57 -2.94 -12.29
N PRO F 145 -17.29 -2.61 -11.02
CA PRO F 145 -15.93 -2.58 -10.49
C PRO F 145 -15.55 -4.03 -10.17
N ASN F 146 -14.29 -4.38 -10.39
CA ASN F 146 -13.87 -5.74 -10.12
C ASN F 146 -12.97 -5.87 -8.89
N ASN F 147 -12.78 -4.77 -8.16
CA ASN F 147 -11.97 -4.79 -6.94
C ASN F 147 -10.68 -5.63 -7.09
N SER F 148 -10.13 -5.65 -8.31
CA SER F 148 -8.94 -6.44 -8.59
C SER F 148 -7.72 -5.97 -7.83
N GLY F 149 -7.29 -6.78 -6.86
CA GLY F 149 -6.15 -6.41 -6.04
C GLY F 149 -6.57 -5.44 -4.96
N ASN F 150 -7.89 -5.35 -4.72
CA ASN F 150 -8.46 -4.44 -3.72
C ASN F 150 -8.43 -2.99 -4.22
N GLU F 151 -9.38 -2.66 -5.10
CA GLU F 151 -9.47 -1.33 -5.67
C GLU F 151 -10.67 -0.64 -5.04
N ASP F 152 -10.43 0.50 -4.40
CA ASP F 152 -11.51 1.18 -3.72
C ASP F 152 -11.81 2.60 -4.19
N CYS F 153 -11.17 3.04 -5.26
CA CYS F 153 -11.38 4.40 -5.73
C CYS F 153 -11.81 4.46 -7.19
N ALA F 154 -12.86 5.24 -7.45
CA ALA F 154 -13.40 5.39 -8.79
C ALA F 154 -12.60 6.38 -9.64
N GLU F 155 -12.40 6.04 -10.90
CA GLU F 155 -11.67 6.89 -11.83
C GLU F 155 -12.41 6.84 -13.16
N PHE F 156 -12.29 7.90 -13.96
CA PHE F 156 -12.88 7.90 -15.29
C PHE F 156 -11.92 7.04 -16.11
N SER F 157 -12.45 6.08 -16.86
CA SER F 157 -11.60 5.21 -17.66
C SER F 157 -12.26 4.91 -19.01
N GLY F 158 -11.64 5.36 -20.09
CA GLY F 158 -12.24 5.13 -21.39
C GLY F 158 -13.56 5.88 -21.38
N SER F 159 -14.64 5.20 -21.78
CA SER F 159 -15.94 5.84 -21.81
C SER F 159 -16.82 5.61 -20.58
N GLY F 160 -16.27 4.98 -19.54
CA GLY F 160 -17.05 4.73 -18.33
C GLY F 160 -16.24 4.95 -17.06
N TRP F 161 -16.57 4.22 -16.00
CA TRP F 161 -15.85 4.32 -14.72
C TRP F 161 -15.14 3.02 -14.38
N ASN F 162 -14.05 3.13 -13.62
CA ASN F 162 -13.30 1.97 -13.20
C ASN F 162 -12.85 2.12 -11.76
N ASP F 163 -12.85 1.02 -11.01
CA ASP F 163 -12.36 1.11 -9.65
C ASP F 163 -10.86 0.78 -9.74
N ASN F 164 -10.04 1.56 -9.06
CA ASN F 164 -8.58 1.38 -9.10
C ASN F 164 -7.99 1.43 -7.70
N ARG F 165 -6.73 1.02 -7.57
CA ARG F 165 -6.04 1.07 -6.26
C ARG F 165 -5.92 2.53 -5.89
N CYS F 166 -6.22 2.84 -4.63
CA CYS F 166 -6.14 4.21 -4.16
C CYS F 166 -4.71 4.78 -4.23
N ASP F 167 -3.70 3.92 -4.27
CA ASP F 167 -2.32 4.41 -4.31
C ASP F 167 -1.75 4.73 -5.69
N VAL F 168 -2.54 4.48 -6.75
CA VAL F 168 -2.12 4.76 -8.12
C VAL F 168 -2.13 6.27 -8.40
N ASP F 169 -1.23 6.73 -9.27
CA ASP F 169 -1.17 8.15 -9.62
C ASP F 169 -2.11 8.47 -10.78
N ASN F 170 -3.14 9.26 -10.52
CA ASN F 170 -4.08 9.65 -11.55
C ASN F 170 -4.22 11.17 -11.56
N TYR F 171 -4.82 11.68 -12.64
CA TYR F 171 -5.09 13.10 -12.71
C TYR F 171 -6.34 13.19 -11.82
N TRP F 172 -6.68 14.39 -11.36
CA TRP F 172 -7.85 14.52 -10.53
C TRP F 172 -8.70 15.73 -10.98
N ILE F 173 -9.93 15.80 -10.50
CA ILE F 173 -10.83 16.86 -10.87
C ILE F 173 -11.52 17.44 -9.63
N CYS F 174 -11.37 18.74 -9.42
CA CYS F 174 -11.99 19.41 -8.28
C CYS F 174 -13.24 20.14 -8.74
N LYS F 175 -14.21 20.19 -7.86
CA LYS F 175 -15.45 20.87 -8.17
C LYS F 175 -15.84 21.79 -7.01
N LYS F 176 -16.33 22.97 -7.36
CA LYS F 176 -16.79 23.94 -6.37
C LYS F 176 -17.77 24.89 -7.04
N PRO F 177 -18.71 25.45 -6.27
CA PRO F 177 -19.70 26.37 -6.80
C PRO F 177 -19.07 27.57 -7.49
N ALA F 178 -19.78 28.11 -8.47
CA ALA F 178 -19.28 29.28 -9.21
C ALA F 178 -19.48 30.49 -8.31
N ALA F 179 -18.61 31.49 -8.45
CA ALA F 179 -18.69 32.70 -7.63
C ALA F 179 -19.47 33.82 -8.34
N CYS F 180 -19.90 34.81 -7.56
CA CYS F 180 -20.64 35.93 -8.12
C CYS F 180 -19.75 37.11 -8.49
N PHE F 181 -18.50 37.09 -8.03
CA PHE F 181 -17.57 38.17 -8.34
C PHE F 181 -16.19 37.65 -8.71
N ARG F 182 -15.55 38.30 -9.68
CA ARG F 182 -14.23 37.92 -10.11
C ARG F 182 -13.19 38.31 -9.07
#